data_1NAB
# 
_entry.id   1NAB 
# 
_audit_conform.dict_name       mmcif_pdbx.dic 
_audit_conform.dict_version    5.386 
_audit_conform.dict_location   http://mmcif.pdb.org/dictionaries/ascii/mmcif_pdbx.dic 
# 
loop_
_database_2.database_id 
_database_2.database_code 
_database_2.pdbx_database_accession 
_database_2.pdbx_DOI 
PDB   1NAB         pdb_00001nab 10.2210/pdb1nab/pdb 
NDB   DD0054       ?            ?                   
RCSB  RCSB017715   ?            ?                   
WWPDB D_1000017715 ?            ?                   
# 
loop_
_pdbx_audit_revision_history.ordinal 
_pdbx_audit_revision_history.data_content_type 
_pdbx_audit_revision_history.major_revision 
_pdbx_audit_revision_history.minor_revision 
_pdbx_audit_revision_history.revision_date 
1 'Structure model' 1 0 2003-02-25 
2 'Structure model' 1 1 2008-04-28 
3 'Structure model' 1 2 2011-07-13 
4 'Structure model' 1 3 2012-02-08 
5 'Structure model' 1 4 2024-02-14 
# 
_pdbx_audit_revision_details.ordinal             1 
_pdbx_audit_revision_details.revision_ordinal    1 
_pdbx_audit_revision_details.data_content_type   'Structure model' 
_pdbx_audit_revision_details.provider            repository 
_pdbx_audit_revision_details.type                'Initial release' 
_pdbx_audit_revision_details.description         ? 
_pdbx_audit_revision_details.details             ? 
# 
loop_
_pdbx_audit_revision_group.ordinal 
_pdbx_audit_revision_group.revision_ordinal 
_pdbx_audit_revision_group.data_content_type 
_pdbx_audit_revision_group.group 
1 2 'Structure model' 'Version format compliance' 
2 3 'Structure model' 'Version format compliance' 
3 4 'Structure model' 'Derived calculations'      
4 5 'Structure model' 'Data collection'           
5 5 'Structure model' 'Database references'       
6 5 'Structure model' 'Derived calculations'      
# 
loop_
_pdbx_audit_revision_category.ordinal 
_pdbx_audit_revision_category.revision_ordinal 
_pdbx_audit_revision_category.data_content_type 
_pdbx_audit_revision_category.category 
1 5 'Structure model' chem_comp_atom 
2 5 'Structure model' chem_comp_bond 
3 5 'Structure model' database_2     
4 5 'Structure model' struct_site    
# 
loop_
_pdbx_audit_revision_item.ordinal 
_pdbx_audit_revision_item.revision_ordinal 
_pdbx_audit_revision_item.data_content_type 
_pdbx_audit_revision_item.item 
1 5 'Structure model' '_database_2.pdbx_DOI'                
2 5 'Structure model' '_database_2.pdbx_database_accession' 
3 5 'Structure model' '_struct_site.pdbx_auth_asym_id'      
4 5 'Structure model' '_struct_site.pdbx_auth_comp_id'      
5 5 'Structure model' '_struct_site.pdbx_auth_seq_id'       
# 
_pdbx_database_status.status_code                     REL 
_pdbx_database_status.entry_id                        1NAB 
_pdbx_database_status.recvd_initial_deposition_date   2002-11-27 
_pdbx_database_status.deposit_site                    RCSB 
_pdbx_database_status.process_site                    RCSB 
_pdbx_database_status.status_code_sf                  REL 
_pdbx_database_status.SG_entry                        ? 
_pdbx_database_status.status_code_mr                  ? 
_pdbx_database_status.status_code_cs                  ? 
_pdbx_database_status.methods_development_category    ? 
_pdbx_database_status.pdb_format_compatible           Y 
_pdbx_database_status.status_code_nmr_data            ? 
# 
loop_
_audit_author.name 
_audit_author.pdbx_ordinal 
'Temperini, C.' 1 
'Messori, L.'   2 
'Orioli, P.'    3 
'Di Bugno, C.'  4 
'Animati, F.'   5 
'Ughetto, G.'   6 
# 
loop_
_citation.id 
_citation.title 
_citation.journal_abbrev 
_citation.journal_volume 
_citation.page_first 
_citation.page_last 
_citation.year 
_citation.journal_id_ASTM 
_citation.country 
_citation.journal_id_ISSN 
_citation.journal_id_CSD 
_citation.book_publisher 
_citation.pdbx_database_id_PubMed 
_citation.pdbx_database_id_DOI 
primary 
;The crystal structure of the complex between a disaccharide anthracycline and the DNA hexamer d(CGATCG) reveals two different binding sites involving two DNA duplexes
;
'Nucleic Acids Res.' 31 1464 1469 2003 NARHAD UK 0305-1048 0389 ? 12595554 10.1093/nar/gkg245 
1       'Structural comparison of anticancer drug-dna complexes: adriamycin and daunomycin' Biochemistry         29 2538 2549 1990 
BICHAW US 0006-2960 0033 ? ?        ?                  
# 
loop_
_citation_author.citation_id 
_citation_author.name 
_citation_author.ordinal 
_citation_author.identifier_ORCID 
primary 'Temperini, C.'       1  ? 
primary 'Messori, L.'         2  ? 
primary 'Orioli, P.'          3  ? 
primary 'Di Bugno, C.'        4  ? 
primary 'Animati, F.'         5  ? 
primary 'Ughetto, G.'         6  ? 
1       'Frederick, C.A.'     7  ? 
1       'Williams, L.D.'      8  ? 
1       'Ughetto, G.'         9  ? 
1       'van der Marel, G.A.' 10 ? 
1       'van Boom, J.H.'      11 ? 
1       'Rich, A.'            12 ? 
1       'Wang, A.H.'          13 ? 
# 
loop_
_entity.id 
_entity.type 
_entity.src_method 
_entity.pdbx_description 
_entity.formula_weight 
_entity.pdbx_number_of_molecules 
_entity.pdbx_ec 
_entity.pdbx_mutation 
_entity.pdbx_fragment 
_entity.details 
1 polymer     syn "5'-D(*CP*GP*AP*TP*CP*G)-3'" 1809.217 2  ? ? ? ? 
2 non-polymer syn 
;7-[5-(4-AMINO-5-HYDROXY-6-METHYL-TETRAHYDRO-PYRAN-2-YLOXY)-4-HYDROXY-6-METHYL-TETRAHYDRO-PYRAN-2-YLOXY]-6,9,11-TRIHYDROXY-9-(2-HYDROXY-ACETYL)-7,8,9,10-TETRAHYDRO-NAPHTHACENE-5,12-DIONE
;
643.635  2  ? ? ? ? 
3 water       nat water 18.015   35 ? ? ? ? 
# 
_entity_poly.entity_id                      1 
_entity_poly.type                           polydeoxyribonucleotide 
_entity_poly.nstd_linkage                   no 
_entity_poly.nstd_monomer                   no 
_entity_poly.pdbx_seq_one_letter_code       '(DC)(DG)(DA)(DT)(DC)(DG)' 
_entity_poly.pdbx_seq_one_letter_code_can   CGATCG 
_entity_poly.pdbx_strand_id                 A,B 
_entity_poly.pdbx_target_identifier         ? 
# 
loop_
_pdbx_entity_nonpoly.entity_id 
_pdbx_entity_nonpoly.name 
_pdbx_entity_nonpoly.comp_id 
2 
;7-[5-(4-AMINO-5-HYDROXY-6-METHYL-TETRAHYDRO-PYRAN-2-YLOXY)-4-HYDROXY-6-METHYL-TETRAHYDRO-PYRAN-2-YLOXY]-6,9,11-TRIHYDROXY-9-(2-HYDROXY-ACETYL)-7,8,9,10-TETRAHYDRO-NAPHTHACENE-5,12-DIONE
;
44D 
3 water HOH 
# 
loop_
_entity_poly_seq.entity_id 
_entity_poly_seq.num 
_entity_poly_seq.mon_id 
_entity_poly_seq.hetero 
1 1 DC n 
1 2 DG n 
1 3 DA n 
1 4 DT n 
1 5 DC n 
1 6 DG n 
# 
_pdbx_entity_src_syn.entity_id              1 
_pdbx_entity_src_syn.pdbx_src_id            1 
_pdbx_entity_src_syn.pdbx_alt_source_flag   sample 
_pdbx_entity_src_syn.pdbx_beg_seq_num       ? 
_pdbx_entity_src_syn.pdbx_end_seq_num       ? 
_pdbx_entity_src_syn.organism_scientific    ? 
_pdbx_entity_src_syn.organism_common_name   ? 
_pdbx_entity_src_syn.ncbi_taxonomy_id       ? 
_pdbx_entity_src_syn.details                'automatic synthesis' 
# 
loop_
_chem_comp.id 
_chem_comp.type 
_chem_comp.mon_nstd_flag 
_chem_comp.name 
_chem_comp.pdbx_synonyms 
_chem_comp.formula 
_chem_comp.formula_weight 
44D non-polymer   . 
;7-[5-(4-AMINO-5-HYDROXY-6-METHYL-TETRAHYDRO-PYRAN-2-YLOXY)-4-HYDROXY-6-METHYL-TETRAHYDRO-PYRAN-2-YLOXY]-6,9,11-TRIHYDROXY-9-(2-HYDROXY-ACETYL)-7,8,9,10-TETRAHYDRO-NAPHTHACENE-5,12-DIONE
;
"4'-(O-ALPHA-L-DAUNOSAMINYL)-4-DEMETHOXYDOXORUBICIN" 'C32 H37 N O13'   643.635 
DA  'DNA linking' y "2'-DEOXYADENOSINE-5'-MONOPHOSPHATE" ?                                                    'C10 H14 N5 O6 P' 
331.222 
DC  'DNA linking' y "2'-DEOXYCYTIDINE-5'-MONOPHOSPHATE" ?                                                    'C9 H14 N3 O7 P'  
307.197 
DG  'DNA linking' y "2'-DEOXYGUANOSINE-5'-MONOPHOSPHATE" ?                                                    'C10 H14 N5 O7 P' 
347.221 
DT  'DNA linking' y "THYMIDINE-5'-MONOPHOSPHATE" ?                                                    'C10 H15 N2 O8 P' 322.208 
HOH non-polymer   . WATER ?                                                    'H2 O'            18.015  
# 
loop_
_pdbx_poly_seq_scheme.asym_id 
_pdbx_poly_seq_scheme.entity_id 
_pdbx_poly_seq_scheme.seq_id 
_pdbx_poly_seq_scheme.mon_id 
_pdbx_poly_seq_scheme.ndb_seq_num 
_pdbx_poly_seq_scheme.pdb_seq_num 
_pdbx_poly_seq_scheme.auth_seq_num 
_pdbx_poly_seq_scheme.pdb_mon_id 
_pdbx_poly_seq_scheme.auth_mon_id 
_pdbx_poly_seq_scheme.pdb_strand_id 
_pdbx_poly_seq_scheme.pdb_ins_code 
_pdbx_poly_seq_scheme.hetero 
A 1 1 DC 1 1  1  DC C A . n 
A 1 2 DG 2 2  2  DG G A . n 
A 1 3 DA 3 3  3  DA A A . n 
A 1 4 DT 4 4  4  DT T A . n 
A 1 5 DC 5 5  5  DC C A . n 
A 1 6 DG 6 6  6  DG G A . n 
B 1 1 DC 1 7  7  DC C B . n 
B 1 2 DG 2 8  8  DG G B . n 
B 1 3 DA 3 9  9  DA A B . n 
B 1 4 DT 4 10 10 DT T B . n 
B 1 5 DC 5 11 11 DC C B . n 
B 1 6 DG 6 12 12 DG G B . n 
# 
loop_
_pdbx_nonpoly_scheme.asym_id 
_pdbx_nonpoly_scheme.entity_id 
_pdbx_nonpoly_scheme.mon_id 
_pdbx_nonpoly_scheme.ndb_seq_num 
_pdbx_nonpoly_scheme.pdb_seq_num 
_pdbx_nonpoly_scheme.auth_seq_num 
_pdbx_nonpoly_scheme.pdb_mon_id 
_pdbx_nonpoly_scheme.auth_mon_id 
_pdbx_nonpoly_scheme.pdb_strand_id 
_pdbx_nonpoly_scheme.pdb_ins_code 
C 2 44D 1  41 14 44D MEN A . 
D 2 44D 1  40 13 44D MEN B . 
E 3 HOH 1  42 6  HOH HOH A . 
E 3 HOH 2  43 8  HOH HOH A . 
E 3 HOH 3  44 10 HOH HOH A . 
E 3 HOH 4  45 11 HOH HOH A . 
E 3 HOH 5  46 12 HOH HOH A . 
E 3 HOH 6  47 13 HOH HOH A . 
E 3 HOH 7  48 17 HOH HOH A . 
E 3 HOH 8  49 18 HOH HOH A . 
E 3 HOH 9  50 26 HOH HOH A . 
E 3 HOH 10 51 29 HOH HOH A . 
E 3 HOH 11 52 30 HOH HOH A . 
E 3 HOH 12 53 31 HOH HOH A . 
F 3 HOH 1  41 1  HOH HOH B . 
F 3 HOH 2  42 2  HOH HOH B . 
F 3 HOH 3  43 3  HOH HOH B . 
F 3 HOH 4  44 5  HOH HOH B . 
F 3 HOH 5  45 7  HOH HOH B . 
F 3 HOH 6  46 9  HOH HOH B . 
F 3 HOH 7  47 14 HOH HOH B . 
F 3 HOH 8  48 15 HOH HOH B . 
F 3 HOH 9  49 16 HOH HOH B . 
F 3 HOH 10 50 20 HOH HOH B . 
F 3 HOH 11 51 21 HOH HOH B . 
F 3 HOH 12 52 22 HOH HOH B . 
F 3 HOH 13 53 23 HOH HOH B . 
F 3 HOH 14 54 24 HOH HOH B . 
F 3 HOH 15 55 25 HOH HOH B . 
F 3 HOH 16 56 27 HOH HOH B . 
F 3 HOH 17 57 28 HOH HOH B . 
F 3 HOH 18 58 33 HOH HOH B . 
F 3 HOH 19 59 34 HOH HOH B . 
F 3 HOH 20 60 35 HOH HOH B . 
F 3 HOH 21 61 36 HOH HOH B . 
F 3 HOH 22 62 37 HOH HOH B . 
F 3 HOH 23 63 38 HOH HOH B . 
# 
loop_
_software.name 
_software.classification 
_software.version 
_software.citation_id 
_software.pdbx_ordinal 
DENZO     'data reduction' . ? 1 
SCALEPACK 'data scaling'   . ? 2 
AMoRE     phasing          . ? 3 
NUCLSQ    refinement       . ? 4 
# 
_cell.entry_id           1NAB 
_cell.length_a           37.813 
_cell.length_b           37.813 
_cell.length_c           63.020 
_cell.angle_alpha        90.00 
_cell.angle_beta         90.00 
_cell.angle_gamma        90.00 
_cell.pdbx_unique_axis   ? 
_cell.Z_PDB              16 
_cell.length_a_esd       ? 
_cell.length_b_esd       ? 
_cell.length_c_esd       ? 
_cell.angle_alpha_esd    ? 
_cell.angle_beta_esd     ? 
_cell.angle_gamma_esd    ? 
# 
_symmetry.entry_id                         1NAB 
_symmetry.space_group_name_H-M             'P 43 21 2' 
_symmetry.pdbx_full_space_group_name_H-M   ? 
_symmetry.Int_Tables_number                96 
_symmetry.cell_setting                     ? 
_symmetry.space_group_name_Hall            ? 
# 
_exptl.entry_id          1NAB 
_exptl.method            'X-RAY DIFFRACTION' 
_exptl.crystals_number   1 
# 
_exptl_crystal.id                    1 
_exptl_crystal.density_meas          ? 
_exptl_crystal.density_Matthews      3.11 
_exptl_crystal.density_percent_sol   60.49 
_exptl_crystal.description           ? 
_exptl_crystal.F_000                 ? 
_exptl_crystal.preparation           ? 
# 
_exptl_crystal_grow.crystal_id      1 
_exptl_crystal_grow.method          'VAPOR DIFFUSION, HANGING DROP' 
_exptl_crystal_grow.temp            277 
_exptl_crystal_grow.temp_details    ? 
_exptl_crystal_grow.pH              6.5 
_exptl_crystal_grow.pdbx_details    
'magnesium chloride, cacodylate, spermine hydrochloride, MPD, pH 6.5, VAPOR DIFFUSION, HANGING DROP, temperature 277K' 
_exptl_crystal_grow.pdbx_pH_range   . 
# 
loop_
_exptl_crystal_grow_comp.crystal_id 
_exptl_crystal_grow_comp.id 
_exptl_crystal_grow_comp.sol_id 
_exptl_crystal_grow_comp.name 
_exptl_crystal_grow_comp.volume 
_exptl_crystal_grow_comp.conc 
_exptl_crystal_grow_comp.details 
1 1 1 'magnesium chloride'     ? ? ? 
1 2 1 cacodylate               ? ? ? 
1 3 1 'spermine hydrochloride' ? ? ? 
1 4 1 MPD                      ? ? ? 
1 5 2 'magnesium chloride'     ? ? ? 
1 6 2 MPD                      ? ? ? 
# 
_diffrn.id                     1 
_diffrn.ambient_temp           100 
_diffrn.ambient_temp_details   ? 
_diffrn.crystal_id             1 
# 
_diffrn_detector.diffrn_id              1 
_diffrn_detector.detector               CCD 
_diffrn_detector.type                   MARRESEARCH 
_diffrn_detector.pdbx_collection_date   2001-03-27 
_diffrn_detector.details                mirrors 
# 
_diffrn_radiation.diffrn_id                        1 
_diffrn_radiation.wavelength_id                    1 
_diffrn_radiation.pdbx_monochromatic_or_laue_m_l   M 
_diffrn_radiation.monochromator                    'Si 111 Channel' 
_diffrn_radiation.pdbx_diffrn_protocol             'SINGLE WAVELENGTH' 
_diffrn_radiation.pdbx_scattering_type             x-ray 
# 
_diffrn_radiation_wavelength.id           1 
_diffrn_radiation_wavelength.wavelength   1.03 
_diffrn_radiation_wavelength.wt           1.0 
# 
_diffrn_source.diffrn_id                   1 
_diffrn_source.source                      SYNCHROTRON 
_diffrn_source.type                        'ELETTRA BEAMLINE 5.2R' 
_diffrn_source.pdbx_synchrotron_site       ELETTRA 
_diffrn_source.pdbx_synchrotron_beamline   5.2R 
_diffrn_source.pdbx_wavelength             ? 
_diffrn_source.pdbx_wavelength_list        1.03 
# 
_reflns.entry_id                     1NAB 
_reflns.observed_criterion_sigma_F   ? 
_reflns.observed_criterion_sigma_I   1.0 
_reflns.d_resolution_high            2.15 
_reflns.d_resolution_low             18.90 
_reflns.number_all                   28812 
_reflns.number_obs                   28737 
_reflns.percent_possible_obs         95.4 
_reflns.pdbx_Rmerge_I_obs            0.118 
_reflns.pdbx_Rsym_value              ? 
_reflns.pdbx_netI_over_sigmaI        5.4 
_reflns.B_iso_Wilson_estimate        41.56 
_reflns.pdbx_redundancy              10.9 
_reflns.R_free_details               ? 
_reflns.pdbx_chi_squared             ? 
_reflns.pdbx_scaling_rejects         ? 
_reflns.pdbx_ordinal                 1 
_reflns.pdbx_diffrn_id               1 
# 
_reflns_shell.d_res_high             2.10 
_reflns_shell.d_res_low              2.17 
_reflns_shell.percent_possible_all   75.6 
_reflns_shell.Rmerge_I_obs           0.0874 
_reflns_shell.pdbx_Rsym_value        ? 
_reflns_shell.meanI_over_sigI_obs    ? 
_reflns_shell.pdbx_redundancy        ? 
_reflns_shell.percent_possible_obs   ? 
_reflns_shell.number_unique_all      ? 
_reflns_shell.number_measured_all    ? 
_reflns_shell.number_measured_obs    ? 
_reflns_shell.number_unique_obs      ? 
_reflns_shell.pdbx_chi_squared       ? 
_reflns_shell.pdbx_ordinal           1 
_reflns_shell.pdbx_diffrn_id         1 
# 
_refine.entry_id                                 1NAB 
_refine.ls_d_res_high                            2.15 
_refine.ls_d_res_low                             8.0 
_refine.pdbx_ls_sigma_F                          2.0 
_refine.pdbx_ls_sigma_I                          ? 
_refine.ls_number_reflns_all                     2621 
_refine.ls_number_reflns_obs                     2321 
_refine.ls_number_reflns_R_free                  216 
_refine.ls_percent_reflns_obs                    69.7 
_refine.ls_R_factor_all                          0.266 
_refine.ls_R_factor_obs                          0.226 
_refine.ls_R_factor_R_work                       0.224 
_refine.ls_R_factor_R_free                       0.233 
_refine.ls_redundancy_reflns_obs                 ? 
_refine.pdbx_data_cutoff_high_absF               ? 
_refine.pdbx_data_cutoff_low_absF                ? 
_refine.ls_number_parameters                     ? 
_refine.ls_number_restraints                     ? 
_refine.ls_percent_reflns_R_free                 ? 
_refine.ls_R_factor_R_free_error                 ? 
_refine.ls_R_factor_R_free_error_details         ? 
_refine.pdbx_method_to_determine_struct          'MOLECULAR REPLACEMENT' 
_refine.pdbx_starting_model                      ? 
_refine.pdbx_ls_cross_valid_method               THROUGHOUT 
_refine.pdbx_R_Free_selection_details            random 
_refine.pdbx_stereochem_target_val_spec_case     ? 
_refine.pdbx_stereochemistry_target_values       'Hendrickson, W.A.' 
_refine.solvent_model_details                    ? 
_refine.solvent_model_param_bsol                 ? 
_refine.solvent_model_param_ksol                 ? 
_refine.occupancy_max                            ? 
_refine.occupancy_min                            ? 
_refine.pdbx_isotropic_thermal_model             ? 
_refine.B_iso_mean                               ? 
_refine.aniso_B[1][1]                            ? 
_refine.aniso_B[1][2]                            ? 
_refine.aniso_B[1][3]                            ? 
_refine.aniso_B[2][2]                            ? 
_refine.aniso_B[2][3]                            ? 
_refine.aniso_B[3][3]                            ? 
_refine.details                                  ? 
_refine.correlation_coeff_Fo_to_Fc               ? 
_refine.correlation_coeff_Fo_to_Fc_free          ? 
_refine.pdbx_solvent_vdw_probe_radii             ? 
_refine.pdbx_solvent_ion_probe_radii             ? 
_refine.pdbx_solvent_shrinkage_radii             ? 
_refine.overall_SU_R_Cruickshank_DPI             ? 
_refine.overall_SU_R_free                        ? 
_refine.overall_SU_B                             ? 
_refine.overall_SU_ML                            ? 
_refine.pdbx_overall_ESU_R                       ? 
_refine.pdbx_overall_ESU_R_Free                  ? 
_refine.pdbx_data_cutoff_high_rms_absF           ? 
_refine.pdbx_refine_id                           'X-RAY DIFFRACTION' 
_refine.pdbx_overall_phase_error                 ? 
_refine.ls_wR_factor_R_free                      ? 
_refine.ls_wR_factor_R_work                      ? 
_refine.overall_FOM_free_R_set                   ? 
_refine.overall_FOM_work_R_set                   ? 
_refine.pdbx_diffrn_id                           1 
_refine.pdbx_TLS_residual_ADP_flag               ? 
_refine.pdbx_overall_SU_R_free_Cruickshank_DPI   ? 
_refine.pdbx_overall_SU_R_Blow_DPI               ? 
_refine.pdbx_overall_SU_R_free_Blow_DPI          ? 
# 
_refine_hist.pdbx_refine_id                   'X-RAY DIFFRACTION' 
_refine_hist.cycle_id                         LAST 
_refine_hist.pdbx_number_atoms_protein        0 
_refine_hist.pdbx_number_atoms_nucleic_acid   240 
_refine_hist.pdbx_number_atoms_ligand         92 
_refine_hist.number_atoms_solvent             35 
_refine_hist.number_atoms_total               367 
_refine_hist.d_res_high                       2.15 
_refine_hist.d_res_low                        8.0 
# 
loop_
_refine_ls_restr.type 
_refine_ls_restr.dev_ideal 
_refine_ls_restr.dev_ideal_target 
_refine_ls_restr.weight 
_refine_ls_restr.number 
_refine_ls_restr.pdbx_refine_id 
_refine_ls_restr.pdbx_restraint_function 
c_bond_d    0.013 ? ? ? 'X-RAY DIFFRACTION' ? 
c_angle_deg 1.13  ? ? ? 'X-RAY DIFFRACTION' ? 
# 
_refine_ls_shell.pdbx_total_number_of_bins_used   ? 
_refine_ls_shell.d_res_high                       2.0 
_refine_ls_shell.d_res_low                        2.20 
_refine_ls_shell.number_reflns_R_work             ? 
_refine_ls_shell.R_factor_R_work                  0.455 
_refine_ls_shell.percent_reflns_obs               3.7 
_refine_ls_shell.R_factor_R_free                  ? 
_refine_ls_shell.R_factor_R_free_error            ? 
_refine_ls_shell.percent_reflns_R_free            ? 
_refine_ls_shell.number_reflns_R_free             ? 
_refine_ls_shell.redundancy_reflns_obs            ? 
_refine_ls_shell.pdbx_refine_id                   'X-RAY DIFFRACTION' 
_refine_ls_shell.number_reflns_all                ? 
_refine_ls_shell.number_reflns_obs                ? 
_refine_ls_shell.R_factor_all                     ? 
# 
_struct.entry_id                  1NAB 
_struct.title                     
;The crystal structure of the complex between a disaccharide anthracycline and the DNA hexamer d(CGATCG) reveals two different binding sites involving two DNA duplexes
;
_struct.pdbx_model_details        ? 
_struct.pdbx_CASP_flag            ? 
_struct.pdbx_model_type_details   ? 
# 
_struct_keywords.entry_id        1NAB 
_struct_keywords.pdbx_keywords   DNA 
_struct_keywords.text            'right handed dna, double helix, complexed with drug, DNA' 
# 
loop_
_struct_asym.id 
_struct_asym.pdbx_blank_PDB_chainid_flag 
_struct_asym.pdbx_modified 
_struct_asym.entity_id 
_struct_asym.details 
A N N 1 ? 
B N N 1 ? 
C N N 2 ? 
D N N 2 ? 
E N N 3 ? 
F N N 3 ? 
# 
_struct_ref.id                         1 
_struct_ref.entity_id                  1 
_struct_ref.db_name                    PDB 
_struct_ref.db_code                    1NAB 
_struct_ref.pdbx_db_accession          1NAB 
_struct_ref.pdbx_align_begin           ? 
_struct_ref.pdbx_seq_one_letter_code   ? 
_struct_ref.pdbx_db_isoform            ? 
# 
loop_
_struct_ref_seq.align_id 
_struct_ref_seq.ref_id 
_struct_ref_seq.pdbx_PDB_id_code 
_struct_ref_seq.pdbx_strand_id 
_struct_ref_seq.seq_align_beg 
_struct_ref_seq.pdbx_seq_align_beg_ins_code 
_struct_ref_seq.seq_align_end 
_struct_ref_seq.pdbx_seq_align_end_ins_code 
_struct_ref_seq.pdbx_db_accession 
_struct_ref_seq.db_align_beg 
_struct_ref_seq.pdbx_db_align_beg_ins_code 
_struct_ref_seq.db_align_end 
_struct_ref_seq.pdbx_db_align_end_ins_code 
_struct_ref_seq.pdbx_auth_seq_align_beg 
_struct_ref_seq.pdbx_auth_seq_align_end 
1 1 1NAB A 1 ? 6 ? 1NAB 1 ? 6  ? 1 6  
2 1 1NAB B 1 ? 6 ? 1NAB 7 ? 12 ? 7 12 
# 
_pdbx_struct_assembly.id                   1 
_pdbx_struct_assembly.details              author_defined_assembly 
_pdbx_struct_assembly.method_details       ? 
_pdbx_struct_assembly.oligomeric_details   dimeric 
_pdbx_struct_assembly.oligomeric_count     2 
# 
_pdbx_struct_assembly_gen.assembly_id       1 
_pdbx_struct_assembly_gen.oper_expression   1 
_pdbx_struct_assembly_gen.asym_id_list      A,B,C,D,E,F 
# 
_pdbx_struct_oper_list.id                   1 
_pdbx_struct_oper_list.type                 'identity operation' 
_pdbx_struct_oper_list.name                 1_555 
_pdbx_struct_oper_list.symmetry_operation   x,y,z 
_pdbx_struct_oper_list.matrix[1][1]         1.0000000000 
_pdbx_struct_oper_list.matrix[1][2]         0.0000000000 
_pdbx_struct_oper_list.matrix[1][3]         0.0000000000 
_pdbx_struct_oper_list.vector[1]            0.0000000000 
_pdbx_struct_oper_list.matrix[2][1]         0.0000000000 
_pdbx_struct_oper_list.matrix[2][2]         1.0000000000 
_pdbx_struct_oper_list.matrix[2][3]         0.0000000000 
_pdbx_struct_oper_list.vector[2]            0.0000000000 
_pdbx_struct_oper_list.matrix[3][1]         0.0000000000 
_pdbx_struct_oper_list.matrix[3][2]         0.0000000000 
_pdbx_struct_oper_list.matrix[3][3]         1.0000000000 
_pdbx_struct_oper_list.vector[3]            0.0000000000 
# 
_struct_biol.id                    1 
_struct_biol.pdbx_parent_biol_id   ? 
_struct_biol.details               ? 
# 
loop_
_struct_conn.id 
_struct_conn.conn_type_id 
_struct_conn.pdbx_leaving_atom_flag 
_struct_conn.pdbx_PDB_id 
_struct_conn.ptnr1_label_asym_id 
_struct_conn.ptnr1_label_comp_id 
_struct_conn.ptnr1_label_seq_id 
_struct_conn.ptnr1_label_atom_id 
_struct_conn.pdbx_ptnr1_label_alt_id 
_struct_conn.pdbx_ptnr1_PDB_ins_code 
_struct_conn.pdbx_ptnr1_standard_comp_id 
_struct_conn.ptnr1_symmetry 
_struct_conn.ptnr2_label_asym_id 
_struct_conn.ptnr2_label_comp_id 
_struct_conn.ptnr2_label_seq_id 
_struct_conn.ptnr2_label_atom_id 
_struct_conn.pdbx_ptnr2_label_alt_id 
_struct_conn.pdbx_ptnr2_PDB_ins_code 
_struct_conn.ptnr1_auth_asym_id 
_struct_conn.ptnr1_auth_comp_id 
_struct_conn.ptnr1_auth_seq_id 
_struct_conn.ptnr2_auth_asym_id 
_struct_conn.ptnr2_auth_comp_id 
_struct_conn.ptnr2_auth_seq_id 
_struct_conn.ptnr2_symmetry 
_struct_conn.pdbx_ptnr3_label_atom_id 
_struct_conn.pdbx_ptnr3_label_seq_id 
_struct_conn.pdbx_ptnr3_label_comp_id 
_struct_conn.pdbx_ptnr3_label_asym_id 
_struct_conn.pdbx_ptnr3_label_alt_id 
_struct_conn.pdbx_ptnr3_PDB_ins_code 
_struct_conn.details 
_struct_conn.pdbx_dist_value 
_struct_conn.pdbx_value_order 
_struct_conn.pdbx_role 
hydrog1  hydrog ? ? A DC 1 N3 ? ? ? 1_555 B DG 6 N1 ? ? A DC 1 B DG 12 1_555 ? ? ? ? ? ? WATSON-CRICK ? ? ? 
hydrog2  hydrog ? ? A DC 1 N4 ? ? ? 1_555 B DG 6 O6 ? ? A DC 1 B DG 12 1_555 ? ? ? ? ? ? WATSON-CRICK ? ? ? 
hydrog3  hydrog ? ? A DC 1 O2 ? ? ? 1_555 B DG 6 N2 ? ? A DC 1 B DG 12 1_555 ? ? ? ? ? ? WATSON-CRICK ? ? ? 
hydrog4  hydrog ? ? A DG 2 N1 ? ? ? 1_555 B DC 5 N3 ? ? A DG 2 B DC 11 1_555 ? ? ? ? ? ? WATSON-CRICK ? ? ? 
hydrog5  hydrog ? ? A DG 2 N2 ? ? ? 1_555 B DC 5 O2 ? ? A DG 2 B DC 11 1_555 ? ? ? ? ? ? WATSON-CRICK ? ? ? 
hydrog6  hydrog ? ? A DG 2 O6 ? ? ? 1_555 B DC 5 N4 ? ? A DG 2 B DC 11 1_555 ? ? ? ? ? ? WATSON-CRICK ? ? ? 
hydrog7  hydrog ? ? A DA 3 N1 ? ? ? 1_555 B DT 4 N3 ? ? A DA 3 B DT 10 1_555 ? ? ? ? ? ? WATSON-CRICK ? ? ? 
hydrog8  hydrog ? ? A DA 3 N6 ? ? ? 1_555 B DT 4 O4 ? ? A DA 3 B DT 10 1_555 ? ? ? ? ? ? WATSON-CRICK ? ? ? 
hydrog9  hydrog ? ? A DT 4 N3 ? ? ? 1_555 B DA 3 N1 ? ? A DT 4 B DA 9  1_555 ? ? ? ? ? ? WATSON-CRICK ? ? ? 
hydrog10 hydrog ? ? A DT 4 O4 ? ? ? 1_555 B DA 3 N6 ? ? A DT 4 B DA 9  1_555 ? ? ? ? ? ? WATSON-CRICK ? ? ? 
hydrog11 hydrog ? ? A DC 5 N3 ? ? ? 1_555 B DG 2 N1 ? ? A DC 5 B DG 8  1_555 ? ? ? ? ? ? WATSON-CRICK ? ? ? 
hydrog12 hydrog ? ? A DC 5 N4 ? ? ? 1_555 B DG 2 O6 ? ? A DC 5 B DG 8  1_555 ? ? ? ? ? ? WATSON-CRICK ? ? ? 
hydrog13 hydrog ? ? A DC 5 O2 ? ? ? 1_555 B DG 2 N2 ? ? A DC 5 B DG 8  1_555 ? ? ? ? ? ? WATSON-CRICK ? ? ? 
hydrog14 hydrog ? ? A DG 6 N1 ? ? ? 1_555 B DC 1 N3 ? ? A DG 6 B DC 7  1_555 ? ? ? ? ? ? WATSON-CRICK ? ? ? 
hydrog15 hydrog ? ? A DG 6 N2 ? ? ? 1_555 B DC 1 O2 ? ? A DG 6 B DC 7  1_555 ? ? ? ? ? ? WATSON-CRICK ? ? ? 
hydrog16 hydrog ? ? A DG 6 O6 ? ? ? 1_555 B DC 1 N4 ? ? A DG 6 B DC 7  1_555 ? ? ? ? ? ? WATSON-CRICK ? ? ? 
# 
_struct_conn_type.id          hydrog 
_struct_conn_type.criteria    ? 
_struct_conn_type.reference   ? 
# 
loop_
_struct_site.id 
_struct_site.pdbx_evidence_code 
_struct_site.pdbx_auth_asym_id 
_struct_site.pdbx_auth_comp_id 
_struct_site.pdbx_auth_seq_id 
_struct_site.pdbx_auth_ins_code 
_struct_site.pdbx_num_residues 
_struct_site.details 
AC1 Software B 44D 40 ? 13 'BINDING SITE FOR RESIDUE 44D B 40' 
AC2 Software A 44D 41 ? 7  'BINDING SITE FOR RESIDUE 44D A 41' 
1   ?        ? ?   ?  ? ?  ?                                   
# 
loop_
_struct_site_gen.id 
_struct_site_gen.site_id 
_struct_site_gen.pdbx_num_res 
_struct_site_gen.label_comp_id 
_struct_site_gen.label_asym_id 
_struct_site_gen.label_seq_id 
_struct_site_gen.pdbx_auth_ins_code 
_struct_site_gen.auth_comp_id 
_struct_site_gen.auth_asym_id 
_struct_site_gen.auth_seq_id 
_struct_site_gen.label_atom_id 
_struct_site_gen.label_alt_id 
_struct_site_gen.symmetry 
_struct_site_gen.details 
1  AC1 13 DC  A 5 ? DC  A 5  . ? 1_555 ? 
2  AC1 13 DG  A 6 ? DG  A 6  . ? 4_455 ? 
3  AC1 13 DG  A 6 ? DG  A 6  . ? 1_555 ? 
4  AC1 13 HOH E . ? HOH A 43 . ? 1_555 ? 
5  AC1 13 DC  B 1 ? DC  B 7  . ? 3_554 ? 
6  AC1 13 DC  B 1 ? DC  B 7  . ? 1_555 ? 
7  AC1 13 DG  B 2 ? DG  B 8  . ? 1_555 ? 
8  AC1 13 DG  B 2 ? DG  B 8  . ? 3_554 ? 
9  AC1 13 DA  B 3 ? DA  B 9  . ? 1_555 ? 
10 AC1 13 DG  B 6 ? DG  B 12 . ? 6_455 ? 
11 AC1 13 HOH F . ? HOH B 46 . ? 3_554 ? 
12 AC1 13 HOH F . ? HOH B 57 . ? 1_555 ? 
13 AC1 13 HOH F . ? HOH B 63 . ? 6_455 ? 
14 AC2 7  DC  A 1 ? DC  A 1  . ? 1_555 ? 
15 AC2 7  DG  A 2 ? DG  A 2  . ? 1_555 ? 
16 AC2 7  DA  A 3 ? DA  A 3  . ? 1_555 ? 
17 AC2 7  DT  A 4 ? DT  A 4  . ? 1_555 ? 
18 AC2 7  HOH E . ? HOH A 50 . ? 1_555 ? 
19 AC2 7  DC  B 5 ? DC  B 11 . ? 1_555 ? 
20 AC2 7  DG  B 6 ? DG  B 12 . ? 1_555 ? 
# 
_pdbx_validate_close_contact.id               1 
_pdbx_validate_close_contact.PDB_model_num    1 
_pdbx_validate_close_contact.auth_atom_id_1   O 
_pdbx_validate_close_contact.auth_asym_id_1   B 
_pdbx_validate_close_contact.auth_comp_id_1   HOH 
_pdbx_validate_close_contact.auth_seq_id_1    50 
_pdbx_validate_close_contact.PDB_ins_code_1   ? 
_pdbx_validate_close_contact.label_alt_id_1   ? 
_pdbx_validate_close_contact.auth_atom_id_2   O 
_pdbx_validate_close_contact.auth_asym_id_2   B 
_pdbx_validate_close_contact.auth_comp_id_2   HOH 
_pdbx_validate_close_contact.auth_seq_id_2    52 
_pdbx_validate_close_contact.PDB_ins_code_2   ? 
_pdbx_validate_close_contact.label_alt_id_2   ? 
_pdbx_validate_close_contact.dist             1.98 
# 
loop_
_pdbx_validate_rmsd_bond.id 
_pdbx_validate_rmsd_bond.PDB_model_num 
_pdbx_validate_rmsd_bond.auth_atom_id_1 
_pdbx_validate_rmsd_bond.auth_asym_id_1 
_pdbx_validate_rmsd_bond.auth_comp_id_1 
_pdbx_validate_rmsd_bond.auth_seq_id_1 
_pdbx_validate_rmsd_bond.PDB_ins_code_1 
_pdbx_validate_rmsd_bond.label_alt_id_1 
_pdbx_validate_rmsd_bond.auth_atom_id_2 
_pdbx_validate_rmsd_bond.auth_asym_id_2 
_pdbx_validate_rmsd_bond.auth_comp_id_2 
_pdbx_validate_rmsd_bond.auth_seq_id_2 
_pdbx_validate_rmsd_bond.PDB_ins_code_2 
_pdbx_validate_rmsd_bond.label_alt_id_2 
_pdbx_validate_rmsd_bond.bond_value 
_pdbx_validate_rmsd_bond.bond_target_value 
_pdbx_validate_rmsd_bond.bond_deviation 
_pdbx_validate_rmsd_bond.bond_standard_deviation 
_pdbx_validate_rmsd_bond.linker_flag 
1  1 "O3'" A DC 1  ? ? "C3'" A DC 1  ? ? 1.375 1.419 -0.044 0.006 N 
2  1 P     A DG 2  ? ? "O5'" A DG 2  ? ? 1.660 1.593 0.067  0.010 N 
3  1 "C2'" A DG 2  ? ? "C1'" A DG 2  ? ? 1.597 1.519 0.078  0.010 N 
4  1 "O3'" A DG 2  ? ? "C3'" A DG 2  ? ? 1.374 1.419 -0.045 0.006 N 
5  1 C6    A DG 2  ? ? N1    A DG 2  ? ? 1.343 1.391 -0.048 0.007 N 
6  1 N7    A DG 2  ? ? C8    A DG 2  ? ? 1.351 1.305 0.046  0.006 N 
7  1 C2    A DG 2  ? ? N2    A DG 2  ? ? 1.246 1.341 -0.095 0.010 N 
8  1 P     A DA 3  ? ? "O5'" A DA 3  ? ? 1.653 1.593 0.060  0.010 N 
9  1 "O4'" A DA 3  ? ? "C1'" A DA 3  ? ? 1.497 1.420 0.077  0.011 N 
10 1 C8    A DA 3  ? ? N9    A DA 3  ? ? 1.312 1.373 -0.061 0.008 N 
11 1 N9    A DA 3  ? ? C4    A DA 3  ? ? 1.410 1.374 0.036  0.006 N 
12 1 C6    A DA 3  ? ? N6    A DA 3  ? ? 1.383 1.335 0.048  0.008 N 
13 1 P     A DT 4  ? ? "O5'" A DT 4  ? ? 1.658 1.593 0.065  0.010 N 
14 1 P     A DC 5  ? ? "O5'" A DC 5  ? ? 1.693 1.593 0.100  0.010 N 
15 1 "C2'" A DC 5  ? ? "C1'" A DC 5  ? ? 1.581 1.519 0.062  0.010 N 
16 1 N3    A DC 5  ? ? C4    A DC 5  ? ? 1.389 1.335 0.054  0.007 N 
17 1 "C2'" A DG 6  ? ? "C1'" A DG 6  ? ? 1.592 1.519 0.073  0.010 N 
18 1 C2    A DG 6  ? ? N2    A DG 6  ? ? 1.252 1.341 -0.089 0.010 N 
19 1 "C4'" B DG 8  ? ? "C3'" B DG 8  ? ? 1.594 1.529 0.065  0.010 N 
20 1 C6    B DG 8  ? ? N1    B DG 8  ? ? 1.322 1.391 -0.069 0.007 N 
21 1 C5    B DG 8  ? ? N7    B DG 8  ? ? 1.326 1.388 -0.062 0.006 N 
22 1 N7    B DG 8  ? ? C8    B DG 8  ? ? 1.346 1.305 0.041  0.006 N 
23 1 C2    B DG 8  ? ? N2    B DG 8  ? ? 1.258 1.341 -0.083 0.010 N 
24 1 "C5'" B DA 9  ? ? "C4'" B DA 9  ? ? 1.429 1.509 -0.080 0.011 N 
25 1 "C4'" B DA 9  ? ? "C3'" B DA 9  ? ? 1.602 1.529 0.073  0.010 N 
26 1 "C2'" B DA 9  ? ? "C1'" B DA 9  ? ? 1.592 1.519 0.073  0.010 N 
27 1 C8    B DA 9  ? ? N9    B DA 9  ? ? 1.320 1.373 -0.053 0.008 N 
28 1 N9    B DA 9  ? ? C4    B DA 9  ? ? 1.444 1.374 0.070  0.006 N 
29 1 "C4'" B DT 10 ? ? "C3'" B DT 10 ? ? 1.613 1.529 0.084  0.010 N 
30 1 "C2'" B DC 11 ? ? "C1'" B DC 11 ? ? 1.584 1.519 0.065  0.010 N 
31 1 "O4'" B DC 11 ? ? "C1'" B DC 11 ? ? 1.341 1.418 -0.077 0.012 N 
32 1 C4    B DC 11 ? ? N4    B DC 11 ? ? 1.405 1.335 0.070  0.009 N 
33 1 N1    B DC 11 ? ? C6    B DC 11 ? ? 1.412 1.367 0.045  0.006 N 
34 1 N3    B DC 11 ? ? C4    B DC 11 ? ? 1.437 1.335 0.102  0.007 N 
35 1 "O3'" B DG 12 ? ? "C3'" B DG 12 ? ? 1.366 1.419 -0.053 0.006 N 
36 1 C6    B DG 12 ? ? N1    B DG 12 ? ? 1.335 1.391 -0.056 0.007 N 
37 1 C2    B DG 12 ? ? N2    B DG 12 ? ? 1.239 1.341 -0.102 0.010 N 
# 
loop_
_pdbx_validate_rmsd_angle.id 
_pdbx_validate_rmsd_angle.PDB_model_num 
_pdbx_validate_rmsd_angle.auth_atom_id_1 
_pdbx_validate_rmsd_angle.auth_asym_id_1 
_pdbx_validate_rmsd_angle.auth_comp_id_1 
_pdbx_validate_rmsd_angle.auth_seq_id_1 
_pdbx_validate_rmsd_angle.PDB_ins_code_1 
_pdbx_validate_rmsd_angle.label_alt_id_1 
_pdbx_validate_rmsd_angle.auth_atom_id_2 
_pdbx_validate_rmsd_angle.auth_asym_id_2 
_pdbx_validate_rmsd_angle.auth_comp_id_2 
_pdbx_validate_rmsd_angle.auth_seq_id_2 
_pdbx_validate_rmsd_angle.PDB_ins_code_2 
_pdbx_validate_rmsd_angle.label_alt_id_2 
_pdbx_validate_rmsd_angle.auth_atom_id_3 
_pdbx_validate_rmsd_angle.auth_asym_id_3 
_pdbx_validate_rmsd_angle.auth_comp_id_3 
_pdbx_validate_rmsd_angle.auth_seq_id_3 
_pdbx_validate_rmsd_angle.PDB_ins_code_3 
_pdbx_validate_rmsd_angle.label_alt_id_3 
_pdbx_validate_rmsd_angle.angle_value 
_pdbx_validate_rmsd_angle.angle_target_value 
_pdbx_validate_rmsd_angle.angle_deviation 
_pdbx_validate_rmsd_angle.angle_standard_deviation 
_pdbx_validate_rmsd_angle.linker_flag 
1   1 "O4'" A DC 1  ? ? "C4'" A DC 1  ? ? "C3'" A DC 1  ? ? 99.44  104.50 -5.06  0.40 N 
2   1 "C5'" A DC 1  ? ? "C4'" A DC 1  ? ? "O4'" A DC 1  ? ? 120.94 109.80 11.14  1.10 N 
3   1 "O4'" A DC 1  ? ? "C1'" A DC 1  ? ? N1    A DC 1  ? ? 111.82 108.30 3.52   0.30 N 
4   1 C2    A DC 1  ? ? N3    A DC 1  ? ? C4    A DC 1  ? ? 124.60 119.90 4.70   0.50 N 
5   1 N3    A DC 1  ? ? C4    A DC 1  ? ? C5    A DC 1  ? ? 116.83 121.90 -5.07  0.40 N 
6   1 N1    A DC 1  ? ? C2    A DC 1  ? ? O2    A DC 1  ? ? 122.71 118.90 3.81   0.60 N 
7   1 "O3'" A DC 1  ? ? P     A DG 2  ? ? "O5'" A DG 2  ? ? 116.74 104.00 12.74  1.90 Y 
8   1 "O5'" A DG 2  ? ? "C5'" A DG 2  ? ? "C4'" A DG 2  ? ? 104.20 109.40 -5.20  0.80 N 
9   1 P     A DG 2  ? ? "O5'" A DG 2  ? ? "C5'" A DG 2  ? ? 108.32 120.90 -12.58 1.60 N 
10  1 "O4'" A DG 2  ? ? "C4'" A DG 2  ? ? "C3'" A DG 2  ? ? 98.72  104.50 -5.78  0.40 N 
11  1 "C1'" A DG 2  ? ? "O4'" A DG 2  ? ? "C4'" A DG 2  ? ? 117.57 110.30 7.27   0.70 N 
12  1 "C4'" A DG 2  ? ? "C3'" A DG 2  ? ? "C2'" A DG 2  ? ? 97.75  102.20 -4.45  0.70 N 
13  1 "O4'" A DG 2  ? ? "C1'" A DG 2  ? ? "C2'" A DG 2  ? ? 85.09  105.90 -20.81 0.80 N 
14  1 "O4'" A DG 2  ? ? "C1'" A DG 2  ? ? N9    A DG 2  ? ? 118.11 108.30 9.81   0.30 N 
15  1 C6    A DG 2  ? ? N1    A DG 2  ? ? C2    A DG 2  ? ? 118.23 125.10 -6.87  0.60 N 
16  1 N1    A DG 2  ? ? C2    A DG 2  ? ? N3    A DG 2  ? ? 129.20 123.90 5.30   0.60 N 
17  1 C5    A DG 2  ? ? C6    A DG 2  ? ? N1    A DG 2  ? ? 118.37 111.50 6.87   0.50 N 
18  1 C5    A DG 2  ? ? N7    A DG 2  ? ? C8    A DG 2  ? ? 100.72 104.30 -3.58  0.50 N 
19  1 N7    A DG 2  ? ? C8    A DG 2  ? ? N9    A DG 2  ? ? 117.05 113.10 3.95   0.50 N 
20  1 C8    A DG 2  ? ? N9    A DG 2  ? ? C4    A DG 2  ? ? 103.46 106.40 -2.94  0.40 N 
21  1 N3    A DG 2  ? ? C2    A DG 2  ? ? N2    A DG 2  ? ? 109.67 119.90 -10.23 0.70 N 
22  1 N1    A DG 2  ? ? C6    A DG 2  ? ? O6    A DG 2  ? ? 112.04 119.90 -7.86  0.60 N 
23  1 C5    A DA 3  ? ? N7    A DA 3  ? ? C8    A DA 3  ? ? 100.65 103.90 -3.25  0.50 N 
24  1 N7    A DA 3  ? ? C8    A DA 3  ? ? N9    A DA 3  ? ? 116.89 113.80 3.09   0.50 N 
25  1 "O3'" A DA 3  ? ? P     A DT 4  ? ? "O5'" A DT 4  ? ? 116.70 104.00 12.70  1.90 Y 
26  1 "O5'" A DT 4  ? ? P     A DT 4  ? ? OP1   A DT 4  ? ? 90.20  105.70 -15.50 0.90 N 
27  1 "O5'" A DT 4  ? ? "C5'" A DT 4  ? ? "C4'" A DT 4  ? ? 99.62  109.40 -9.78  0.80 N 
28  1 "O4'" A DT 4  ? ? "C1'" A DT 4  ? ? "C2'" A DT 4  ? ? 97.05  105.90 -8.85  0.80 N 
29  1 C4    A DT 4  ? ? C5    A DT 4  ? ? C6    A DT 4  ? ? 121.69 118.00 3.69   0.60 N 
30  1 C4    A DT 4  ? ? C5    A DT 4  ? ? C7    A DT 4  ? ? 124.44 119.00 5.44   0.60 N 
31  1 C6    A DT 4  ? ? C5    A DT 4  ? ? C7    A DT 4  ? ? 113.78 122.90 -9.12  0.60 N 
32  1 P     A DC 5  ? ? "O5'" A DC 5  ? ? "C5'" A DC 5  ? ? 107.79 120.90 -13.11 1.60 N 
33  1 "C4'" A DC 5  ? ? "C3'" A DC 5  ? ? "C2'" A DC 5  ? ? 96.64  102.20 -5.56  0.70 N 
34  1 "C3'" A DC 5  ? ? "C2'" A DC 5  ? ? "C1'" A DC 5  ? ? 95.40  102.40 -7.00  0.80 N 
35  1 "O4'" A DC 5  ? ? "C1'" A DC 5  ? ? "C2'" A DC 5  ? ? 100.76 105.90 -5.14  0.80 N 
36  1 "O4'" A DC 5  ? ? "C1'" A DC 5  ? ? N1    A DC 5  ? ? 112.25 108.30 3.95   0.30 N 
37  1 N1    A DC 5  ? ? C2    A DC 5  ? ? O2    A DC 5  ? ? 125.84 118.90 6.94   0.60 N 
38  1 C5    A DC 5  ? ? C4    A DC 5  ? ? N4    A DC 5  ? ? 124.91 120.20 4.71   0.70 N 
39  1 "C3'" A DC 5  ? ? "O3'" A DC 5  ? ? P     A DG 6  ? ? 129.25 119.70 9.55   1.20 Y 
40  1 "O3'" A DC 5  ? ? P     A DG 6  ? ? "O5'" A DG 6  ? ? 116.60 104.00 12.60  1.90 Y 
41  1 "O5'" A DG 6  ? ? P     A DG 6  ? ? OP1   A DG 6  ? ? 99.79  105.70 -5.91  0.90 N 
42  1 "O4'" A DG 6  ? ? "C4'" A DG 6  ? ? "C3'" A DG 6  ? ? 101.85 104.50 -2.65  0.40 N 
43  1 "O4'" A DG 6  ? ? "C1'" A DG 6  ? ? "C2'" A DG 6  ? ? 100.06 105.90 -5.84  0.80 N 
44  1 "O4'" A DG 6  ? ? "C1'" A DG 6  ? ? N9    A DG 6  ? ? 111.35 108.30 3.05   0.30 N 
45  1 C6    A DG 6  ? ? N1    A DG 6  ? ? C2    A DG 6  ? ? 117.27 125.10 -7.83  0.60 N 
46  1 N1    A DG 6  ? ? C2    A DG 6  ? ? N3    A DG 6  ? ? 131.01 123.90 7.11   0.60 N 
47  1 C2    A DG 6  ? ? N3    A DG 6  ? ? C4    A DG 6  ? ? 108.25 111.90 -3.65  0.50 N 
48  1 C5    A DG 6  ? ? C6    A DG 6  ? ? N1    A DG 6  ? ? 116.96 111.50 5.46   0.50 N 
49  1 N3    A DG 6  ? ? C2    A DG 6  ? ? N2    A DG 6  ? ? 112.87 119.90 -7.03  0.70 N 
50  1 N1    A DG 6  ? ? C6    A DG 6  ? ? O6    A DG 6  ? ? 114.62 119.90 -5.28  0.60 N 
51  1 "O5'" B DC 7  ? ? "C5'" B DC 7  ? ? "C4'" B DC 7  ? ? 104.46 109.40 -4.94  0.80 N 
52  1 "O4'" B DC 7  ? ? "C4'" B DC 7  ? ? "C3'" B DC 7  ? ? 100.98 104.50 -3.52  0.40 N 
53  1 "C1'" B DC 7  ? ? "O4'" B DC 7  ? ? "C4'" B DC 7  ? ? 118.18 110.30 7.88   0.70 N 
54  1 "O4'" B DC 7  ? ? "C1'" B DC 7  ? ? "C2'" B DC 7  ? ? 98.49  105.90 -7.41  0.80 N 
55  1 "O4'" B DC 7  ? ? "C1'" B DC 7  ? ? N1    B DC 7  ? ? 110.41 108.30 2.11   0.30 N 
56  1 C2    B DC 7  ? ? N3    B DC 7  ? ? C4    B DC 7  ? ? 123.11 119.90 3.21   0.50 N 
57  1 N3    B DC 7  ? ? C4    B DC 7  ? ? C5    B DC 7  ? ? 117.88 121.90 -4.02  0.40 N 
58  1 C5    B DC 7  ? ? C6    B DC 7  ? ? N1    B DC 7  ? ? 124.74 121.00 3.74   0.50 N 
59  1 N1    B DC 7  ? ? C2    B DC 7  ? ? O2    B DC 7  ? ? 130.06 118.90 11.16  0.60 N 
60  1 N3    B DC 7  ? ? C2    B DC 7  ? ? O2    B DC 7  ? ? 113.14 121.90 -8.76  0.70 N 
61  1 N3    B DC 7  ? ? C4    B DC 7  ? ? N4    B DC 7  ? ? 111.12 118.00 -6.88  0.70 N 
62  1 C5    B DC 7  ? ? C4    B DC 7  ? ? N4    B DC 7  ? ? 130.95 120.20 10.75  0.70 N 
63  1 "O5'" B DG 8  ? ? "C5'" B DG 8  ? ? "C4'" B DG 8  ? ? 96.12  109.40 -13.28 0.80 N 
64  1 "O4'" B DG 8  ? ? "C1'" B DG 8  ? ? "C2'" B DG 8  ? ? 98.48  105.90 -7.42  0.80 N 
65  1 "O4'" B DG 8  ? ? "C1'" B DG 8  ? ? N9    B DG 8  ? ? 114.03 108.30 5.73   0.30 N 
66  1 C6    B DG 8  ? ? N1    B DG 8  ? ? C2    B DG 8  ? ? 115.17 125.10 -9.93  0.60 N 
67  1 N1    B DG 8  ? ? C2    B DG 8  ? ? N3    B DG 8  ? ? 133.34 123.90 9.44   0.60 N 
68  1 C2    B DG 8  ? ? N3    B DG 8  ? ? C4    B DG 8  ? ? 106.08 111.90 -5.82  0.50 N 
69  1 C5    B DG 8  ? ? C6    B DG 8  ? ? N1    B DG 8  ? ? 119.87 111.50 8.37   0.50 N 
70  1 N3    B DG 8  ? ? C2    B DG 8  ? ? N2    B DG 8  ? ? 109.55 119.90 -10.35 0.70 N 
71  1 N1    B DG 8  ? ? C6    B DG 8  ? ? O6    B DG 8  ? ? 112.96 119.90 -6.94  0.60 N 
72  1 "C3'" B DG 8  ? ? "O3'" B DG 8  ? ? P     B DA 9  ? ? 132.16 119.70 12.46  1.20 Y 
73  1 P     B DA 9  ? ? "O5'" B DA 9  ? ? "C5'" B DA 9  ? ? 135.25 120.90 14.35  1.60 N 
74  1 "O4'" B DA 9  ? ? "C4'" B DA 9  ? ? "C3'" B DA 9  ? ? 96.36  104.50 -8.14  0.40 N 
75  1 "C1'" B DA 9  ? ? "O4'" B DA 9  ? ? "C4'" B DA 9  ? ? 123.20 110.30 12.90  0.70 N 
76  1 "O4'" B DA 9  ? ? "C1'" B DA 9  ? ? "C2'" B DA 9  ? ? 98.53  105.90 -7.37  0.80 N 
77  1 "O4'" B DA 9  ? ? "C1'" B DA 9  ? ? N9    B DA 9  ? ? 118.35 108.30 10.05  0.30 N 
78  1 "O4'" B DT 10 ? ? "C4'" B DT 10 ? ? "C3'" B DT 10 ? ? 100.97 104.50 -3.53  0.40 N 
79  1 "O4'" B DT 10 ? ? "C1'" B DT 10 ? ? "C2'" B DT 10 ? ? 100.05 105.90 -5.85  0.80 N 
80  1 "O4'" B DT 10 ? ? "C1'" B DT 10 ? ? N1    B DT 10 ? ? 110.96 108.30 2.66   0.30 N 
81  1 C2    B DT 10 ? ? N3    B DT 10 ? ? C4    B DT 10 ? ? 122.40 127.20 -4.80  0.60 N 
82  1 N3    B DT 10 ? ? C4    B DT 10 ? ? C5    B DT 10 ? ? 119.52 115.20 4.32   0.60 N 
83  1 C5    B DT 10 ? ? C4    B DT 10 ? ? O4    B DT 10 ? ? 120.18 124.90 -4.72  0.70 N 
84  1 C4    B DT 10 ? ? C5    B DT 10 ? ? C7    B DT 10 ? ? 124.70 119.00 5.70   0.60 N 
85  1 C6    B DT 10 ? ? C5    B DT 10 ? ? C7    B DT 10 ? ? 118.92 122.90 -3.98  0.60 N 
86  1 "C3'" B DT 10 ? ? "O3'" B DT 10 ? ? P     B DC 11 ? ? 135.79 119.70 16.09  1.20 Y 
87  1 "O4'" B DC 11 ? ? "C1'" B DC 11 ? ? N1    B DC 11 ? ? 118.58 108.30 10.28  0.30 N 
88  1 C4    B DC 11 ? ? C5    B DC 11 ? ? C6    B DC 11 ? ? 113.80 117.40 -3.60  0.50 N 
89  1 C5    B DC 11 ? ? C6    B DC 11 ? ? N1    B DC 11 ? ? 124.97 121.00 3.97   0.50 N 
90  1 N1    B DC 11 ? ? C2    B DC 11 ? ? O2    B DC 11 ? ? 124.88 118.90 5.98   0.60 N 
91  1 N3    B DC 11 ? ? C4    B DC 11 ? ? N4    B DC 11 ? ? 113.56 118.00 -4.44  0.70 N 
92  1 C5    B DC 11 ? ? C4    B DC 11 ? ? N4    B DC 11 ? ? 124.82 120.20 4.62   0.70 N 
93  1 C2    B DC 11 ? ? N1    B DC 11 ? ? "C1'" B DC 11 ? ? 110.69 118.80 -8.11  1.10 N 
94  1 "C3'" B DC 11 ? ? "O3'" B DC 11 ? ? P     B DG 12 ? ? 130.03 119.70 10.33  1.20 Y 
95  1 OP1   B DG 12 ? ? P     B DG 12 ? ? OP2   B DG 12 ? ? 128.99 119.60 9.39   1.50 N 
96  1 "O4'" B DG 12 ? ? "C4'" B DG 12 ? ? "C3'" B DG 12 ? ? 97.05  104.50 -7.45  0.40 N 
97  1 "C5'" B DG 12 ? ? "C4'" B DG 12 ? ? "O4'" B DG 12 ? ? 117.04 109.80 7.24   1.10 N 
98  1 "C1'" B DG 12 ? ? "O4'" B DG 12 ? ? "C4'" B DG 12 ? ? 118.40 110.30 8.10   0.70 N 
99  1 "C4'" B DG 12 ? ? "C3'" B DG 12 ? ? "O3'" B DG 12 ? ? 94.20  109.70 -15.50 2.50 N 
100 1 C6    B DG 12 ? ? N1    B DG 12 ? ? C2    B DG 12 ? ? 117.94 125.10 -7.16  0.60 N 
101 1 C4    B DG 12 ? ? C5    B DG 12 ? ? C6    B DG 12 ? ? 113.61 118.80 -5.19  0.60 N 
102 1 C5    B DG 12 ? ? C6    B DG 12 ? ? N1    B DG 12 ? ? 121.18 111.50 9.68   0.50 N 
103 1 C4    B DG 12 ? ? C5    B DG 12 ? ? N7    B DG 12 ? ? 115.60 110.80 4.80   0.40 N 
104 1 C5    B DG 12 ? ? N7    B DG 12 ? ? C8    B DG 12 ? ? 100.35 104.30 -3.95  0.50 N 
105 1 N9    B DG 12 ? ? C4    B DG 12 ? ? C5    B DG 12 ? ? 101.50 105.40 -3.90  0.40 N 
106 1 N3    B DG 12 ? ? C4    B DG 12 ? ? N9    B DG 12 ? ? 130.93 126.00 4.93   0.60 N 
107 1 C5    B DG 12 ? ? C6    B DG 12 ? ? O6    B DG 12 ? ? 119.22 128.60 -9.38  0.60 N 
# 
_pdbx_validate_chiral.id              1 
_pdbx_validate_chiral.PDB_model_num   1 
_pdbx_validate_chiral.auth_atom_id    C1B 
_pdbx_validate_chiral.label_alt_id    ? 
_pdbx_validate_chiral.auth_asym_id    A 
_pdbx_validate_chiral.auth_comp_id    44D 
_pdbx_validate_chiral.auth_seq_id     41 
_pdbx_validate_chiral.PDB_ins_code    ? 
_pdbx_validate_chiral.details         'WRONG HAND' 
_pdbx_validate_chiral.omega           . 
# 
_struct_site_keywords.site_id   1 
_struct_site_keywords.text      'intercalation, minor groove binder' 
# 
loop_
_chem_comp_atom.comp_id 
_chem_comp_atom.atom_id 
_chem_comp_atom.type_symbol 
_chem_comp_atom.pdbx_aromatic_flag 
_chem_comp_atom.pdbx_stereo_config 
_chem_comp_atom.pdbx_ordinal 
44D C1     C Y N 1   
44D C2     C Y N 2   
44D C3     C Y N 3   
44D C4     C Y N 4   
44D C5     C N N 5   
44D C6     C Y N 6   
44D C7     C N S 7   
44D C8     C N N 8   
44D C9     C N S 9   
44D C10    C N N 10  
44D C11    C Y N 11  
44D C12    C N N 12  
44D C13    C N N 13  
44D C14    C N N 14  
44D C15    C Y N 15  
44D C16    C Y N 16  
44D C17    C Y N 17  
44D C18    C Y N 18  
44D C19    C Y N 19  
44D C20    C Y N 20  
44D O5     O N N 21  
44D O6     O N N 22  
44D O7     O N N 23  
44D O9     O N N 24  
44D O11    O N N 25  
44D O12    O N N 26  
44D O13    O N N 27  
44D O14    O N N 28  
44D C1B    C N R 29  
44D C2B    C N N 30  
44D C3B    C N S 31  
44D C4B    C N S 32  
44D C5B    C N S 33  
44D C6B    C N N 34  
44D "O3'"  O N N 35  
44D O4B    O N N 36  
44D O5B    O N N 37  
44D "C1'"  C N S 38  
44D "C2'"  C N N 39  
44D "C3'"  C N S 40  
44D "C4'"  C N S 41  
44D "C5'"  C N S 42  
44D "C6'"  C N N 43  
44D "O4'"  O N N 44  
44D "O5'"  O N N 45  
44D "N3'"  N N N 46  
44D HC1    H N N 47  
44D HC2    H N N 48  
44D HC3    H N N 49  
44D HC4    H N N 50  
44D HC7    H N N 51  
44D HC81   H N N 52  
44D HC82   H N N 53  
44D H101   H N N 54  
44D H102   H N N 55  
44D H141   H N N 56  
44D H142   H N N 57  
44D HO6    H N N 58  
44D HO9    H N N 59  
44D H11    H N N 60  
44D H14    H N N 61  
44D H1B    H N N 62  
44D "H2'1" H N N 63  
44D "H2'2" H N N 64  
44D H3B    H N N 65  
44D H4B    H N N 66  
44D H5B    H N N 67  
44D "H6'1" H N N 68  
44D "H6'2" H N N 69  
44D "H6'3" H N N 70  
44D "H3'O" H N N 71  
44D "H1'"  H N N 72  
44D H2B    H N N 73  
44D H2D    H N N 74  
44D "H3'"  H N N 75  
44D "H4'"  H N N 76  
44D "H5'"  H N N 77  
44D H6B    H N N 78  
44D H6D    H N N 79  
44D H6E    H N N 80  
44D "H4'O" H N N 81  
44D "H3'1" H N N 82  
44D "H3'2" H N N 83  
DA  OP3    O N N 84  
DA  P      P N N 85  
DA  OP1    O N N 86  
DA  OP2    O N N 87  
DA  "O5'"  O N N 88  
DA  "C5'"  C N N 89  
DA  "C4'"  C N R 90  
DA  "O4'"  O N N 91  
DA  "C3'"  C N S 92  
DA  "O3'"  O N N 93  
DA  "C2'"  C N N 94  
DA  "C1'"  C N R 95  
DA  N9     N Y N 96  
DA  C8     C Y N 97  
DA  N7     N Y N 98  
DA  C5     C Y N 99  
DA  C6     C Y N 100 
DA  N6     N N N 101 
DA  N1     N Y N 102 
DA  C2     C Y N 103 
DA  N3     N Y N 104 
DA  C4     C Y N 105 
DA  HOP3   H N N 106 
DA  HOP2   H N N 107 
DA  "H5'"  H N N 108 
DA  "H5''" H N N 109 
DA  "H4'"  H N N 110 
DA  "H3'"  H N N 111 
DA  "HO3'" H N N 112 
DA  "H2'"  H N N 113 
DA  "H2''" H N N 114 
DA  "H1'"  H N N 115 
DA  H8     H N N 116 
DA  H61    H N N 117 
DA  H62    H N N 118 
DA  H2     H N N 119 
DC  OP3    O N N 120 
DC  P      P N N 121 
DC  OP1    O N N 122 
DC  OP2    O N N 123 
DC  "O5'"  O N N 124 
DC  "C5'"  C N N 125 
DC  "C4'"  C N R 126 
DC  "O4'"  O N N 127 
DC  "C3'"  C N S 128 
DC  "O3'"  O N N 129 
DC  "C2'"  C N N 130 
DC  "C1'"  C N R 131 
DC  N1     N N N 132 
DC  C2     C N N 133 
DC  O2     O N N 134 
DC  N3     N N N 135 
DC  C4     C N N 136 
DC  N4     N N N 137 
DC  C5     C N N 138 
DC  C6     C N N 139 
DC  HOP3   H N N 140 
DC  HOP2   H N N 141 
DC  "H5'"  H N N 142 
DC  "H5''" H N N 143 
DC  "H4'"  H N N 144 
DC  "H3'"  H N N 145 
DC  "HO3'" H N N 146 
DC  "H2'"  H N N 147 
DC  "H2''" H N N 148 
DC  "H1'"  H N N 149 
DC  H41    H N N 150 
DC  H42    H N N 151 
DC  H5     H N N 152 
DC  H6     H N N 153 
DG  OP3    O N N 154 
DG  P      P N N 155 
DG  OP1    O N N 156 
DG  OP2    O N N 157 
DG  "O5'"  O N N 158 
DG  "C5'"  C N N 159 
DG  "C4'"  C N R 160 
DG  "O4'"  O N N 161 
DG  "C3'"  C N S 162 
DG  "O3'"  O N N 163 
DG  "C2'"  C N N 164 
DG  "C1'"  C N R 165 
DG  N9     N Y N 166 
DG  C8     C Y N 167 
DG  N7     N Y N 168 
DG  C5     C Y N 169 
DG  C6     C N N 170 
DG  O6     O N N 171 
DG  N1     N N N 172 
DG  C2     C N N 173 
DG  N2     N N N 174 
DG  N3     N N N 175 
DG  C4     C Y N 176 
DG  HOP3   H N N 177 
DG  HOP2   H N N 178 
DG  "H5'"  H N N 179 
DG  "H5''" H N N 180 
DG  "H4'"  H N N 181 
DG  "H3'"  H N N 182 
DG  "HO3'" H N N 183 
DG  "H2'"  H N N 184 
DG  "H2''" H N N 185 
DG  "H1'"  H N N 186 
DG  H8     H N N 187 
DG  H1     H N N 188 
DG  H21    H N N 189 
DG  H22    H N N 190 
DT  OP3    O N N 191 
DT  P      P N N 192 
DT  OP1    O N N 193 
DT  OP2    O N N 194 
DT  "O5'"  O N N 195 
DT  "C5'"  C N N 196 
DT  "C4'"  C N R 197 
DT  "O4'"  O N N 198 
DT  "C3'"  C N S 199 
DT  "O3'"  O N N 200 
DT  "C2'"  C N N 201 
DT  "C1'"  C N R 202 
DT  N1     N N N 203 
DT  C2     C N N 204 
DT  O2     O N N 205 
DT  N3     N N N 206 
DT  C4     C N N 207 
DT  O4     O N N 208 
DT  C5     C N N 209 
DT  C7     C N N 210 
DT  C6     C N N 211 
DT  HOP3   H N N 212 
DT  HOP2   H N N 213 
DT  "H5'"  H N N 214 
DT  "H5''" H N N 215 
DT  "H4'"  H N N 216 
DT  "H3'"  H N N 217 
DT  "HO3'" H N N 218 
DT  "H2'"  H N N 219 
DT  "H2''" H N N 220 
DT  "H1'"  H N N 221 
DT  H3     H N N 222 
DT  H71    H N N 223 
DT  H72    H N N 224 
DT  H73    H N N 225 
DT  H6     H N N 226 
HOH O      O N N 227 
HOH H1     H N N 228 
HOH H2     H N N 229 
# 
loop_
_chem_comp_bond.comp_id 
_chem_comp_bond.atom_id_1 
_chem_comp_bond.atom_id_2 
_chem_comp_bond.value_order 
_chem_comp_bond.pdbx_aromatic_flag 
_chem_comp_bond.pdbx_stereo_config 
_chem_comp_bond.pdbx_ordinal 
44D C1    C2     doub Y N 1   
44D C1    C15    sing Y N 2   
44D C1    HC1    sing N N 3   
44D C2    C3     sing Y N 4   
44D C2    HC2    sing N N 5   
44D C3    C4     doub Y N 6   
44D C3    HC3    sing N N 7   
44D C4    C16    sing Y N 8   
44D C4    HC4    sing N N 9   
44D C5    C16    sing N N 10  
44D C5    C17    sing N N 11  
44D C5    O5     doub N N 12  
44D C6    C17    doub Y N 13  
44D C6    C20    sing Y N 14  
44D C6    O6     sing N N 15  
44D C7    C8     sing N N 16  
44D C7    C20    sing N N 17  
44D C7    O7     sing N N 18  
44D C7    HC7    sing N N 19  
44D C8    C9     sing N N 20  
44D C8    HC81   sing N N 21  
44D C8    HC82   sing N N 22  
44D C9    C10    sing N N 23  
44D C9    C13    sing N N 24  
44D C9    O9     sing N N 25  
44D C10   C19    sing N N 26  
44D C10   H101   sing N N 27  
44D C10   H102   sing N N 28  
44D C11   C18    doub Y N 29  
44D C11   C19    sing Y N 30  
44D C11   O11    sing N N 31  
44D C12   C15    sing N N 32  
44D C12   C18    sing N N 33  
44D C12   O12    doub N N 34  
44D C13   C14    sing N N 35  
44D C13   O13    doub N N 36  
44D C14   O14    sing N N 37  
44D C14   H141   sing N N 38  
44D C14   H142   sing N N 39  
44D C15   C16    doub Y N 40  
44D C17   C18    sing Y N 41  
44D C19   C20    doub Y N 42  
44D O6    HO6    sing N N 43  
44D O7    C1B    sing N N 44  
44D O9    HO9    sing N N 45  
44D O11   H11    sing N N 46  
44D O14   H14    sing N N 47  
44D C1B   C2B    sing N N 48  
44D C1B   O5B    sing N N 49  
44D C1B   H1B    sing N N 50  
44D C2B   C3B    sing N N 51  
44D C2B   "H2'1" sing N N 52  
44D C2B   "H2'2" sing N N 53  
44D C3B   C4B    sing N N 54  
44D C3B   "O3'"  sing N N 55  
44D C3B   H3B    sing N N 56  
44D C4B   C5B    sing N N 57  
44D C4B   O4B    sing N N 58  
44D C4B   H4B    sing N N 59  
44D C5B   C6B    sing N N 60  
44D C5B   O5B    sing N N 61  
44D C5B   H5B    sing N N 62  
44D C6B   "H6'1" sing N N 63  
44D C6B   "H6'2" sing N N 64  
44D C6B   "H6'3" sing N N 65  
44D "O3'" "H3'O" sing N N 66  
44D O4B   "C1'"  sing N N 67  
44D "C1'" "C2'"  sing N N 68  
44D "C1'" "O5'"  sing N N 69  
44D "C1'" "H1'"  sing N N 70  
44D "C2'" "C3'"  sing N N 71  
44D "C2'" H2B    sing N N 72  
44D "C2'" H2D    sing N N 73  
44D "C3'" "C4'"  sing N N 74  
44D "C3'" "N3'"  sing N N 75  
44D "C3'" "H3'"  sing N N 76  
44D "C4'" "C5'"  sing N N 77  
44D "C4'" "O4'"  sing N N 78  
44D "C4'" "H4'"  sing N N 79  
44D "C5'" "C6'"  sing N N 80  
44D "C5'" "O5'"  sing N N 81  
44D "C5'" "H5'"  sing N N 82  
44D "C6'" H6B    sing N N 83  
44D "C6'" H6D    sing N N 84  
44D "C6'" H6E    sing N N 85  
44D "O4'" "H4'O" sing N N 86  
44D "N3'" "H3'1" sing N N 87  
44D "N3'" "H3'2" sing N N 88  
DA  OP3   P      sing N N 89  
DA  OP3   HOP3   sing N N 90  
DA  P     OP1    doub N N 91  
DA  P     OP2    sing N N 92  
DA  P     "O5'"  sing N N 93  
DA  OP2   HOP2   sing N N 94  
DA  "O5'" "C5'"  sing N N 95  
DA  "C5'" "C4'"  sing N N 96  
DA  "C5'" "H5'"  sing N N 97  
DA  "C5'" "H5''" sing N N 98  
DA  "C4'" "O4'"  sing N N 99  
DA  "C4'" "C3'"  sing N N 100 
DA  "C4'" "H4'"  sing N N 101 
DA  "O4'" "C1'"  sing N N 102 
DA  "C3'" "O3'"  sing N N 103 
DA  "C3'" "C2'"  sing N N 104 
DA  "C3'" "H3'"  sing N N 105 
DA  "O3'" "HO3'" sing N N 106 
DA  "C2'" "C1'"  sing N N 107 
DA  "C2'" "H2'"  sing N N 108 
DA  "C2'" "H2''" sing N N 109 
DA  "C1'" N9     sing N N 110 
DA  "C1'" "H1'"  sing N N 111 
DA  N9    C8     sing Y N 112 
DA  N9    C4     sing Y N 113 
DA  C8    N7     doub Y N 114 
DA  C8    H8     sing N N 115 
DA  N7    C5     sing Y N 116 
DA  C5    C6     sing Y N 117 
DA  C5    C4     doub Y N 118 
DA  C6    N6     sing N N 119 
DA  C6    N1     doub Y N 120 
DA  N6    H61    sing N N 121 
DA  N6    H62    sing N N 122 
DA  N1    C2     sing Y N 123 
DA  C2    N3     doub Y N 124 
DA  C2    H2     sing N N 125 
DA  N3    C4     sing Y N 126 
DC  OP3   P      sing N N 127 
DC  OP3   HOP3   sing N N 128 
DC  P     OP1    doub N N 129 
DC  P     OP2    sing N N 130 
DC  P     "O5'"  sing N N 131 
DC  OP2   HOP2   sing N N 132 
DC  "O5'" "C5'"  sing N N 133 
DC  "C5'" "C4'"  sing N N 134 
DC  "C5'" "H5'"  sing N N 135 
DC  "C5'" "H5''" sing N N 136 
DC  "C4'" "O4'"  sing N N 137 
DC  "C4'" "C3'"  sing N N 138 
DC  "C4'" "H4'"  sing N N 139 
DC  "O4'" "C1'"  sing N N 140 
DC  "C3'" "O3'"  sing N N 141 
DC  "C3'" "C2'"  sing N N 142 
DC  "C3'" "H3'"  sing N N 143 
DC  "O3'" "HO3'" sing N N 144 
DC  "C2'" "C1'"  sing N N 145 
DC  "C2'" "H2'"  sing N N 146 
DC  "C2'" "H2''" sing N N 147 
DC  "C1'" N1     sing N N 148 
DC  "C1'" "H1'"  sing N N 149 
DC  N1    C2     sing N N 150 
DC  N1    C6     sing N N 151 
DC  C2    O2     doub N N 152 
DC  C2    N3     sing N N 153 
DC  N3    C4     doub N N 154 
DC  C4    N4     sing N N 155 
DC  C4    C5     sing N N 156 
DC  N4    H41    sing N N 157 
DC  N4    H42    sing N N 158 
DC  C5    C6     doub N N 159 
DC  C5    H5     sing N N 160 
DC  C6    H6     sing N N 161 
DG  OP3   P      sing N N 162 
DG  OP3   HOP3   sing N N 163 
DG  P     OP1    doub N N 164 
DG  P     OP2    sing N N 165 
DG  P     "O5'"  sing N N 166 
DG  OP2   HOP2   sing N N 167 
DG  "O5'" "C5'"  sing N N 168 
DG  "C5'" "C4'"  sing N N 169 
DG  "C5'" "H5'"  sing N N 170 
DG  "C5'" "H5''" sing N N 171 
DG  "C4'" "O4'"  sing N N 172 
DG  "C4'" "C3'"  sing N N 173 
DG  "C4'" "H4'"  sing N N 174 
DG  "O4'" "C1'"  sing N N 175 
DG  "C3'" "O3'"  sing N N 176 
DG  "C3'" "C2'"  sing N N 177 
DG  "C3'" "H3'"  sing N N 178 
DG  "O3'" "HO3'" sing N N 179 
DG  "C2'" "C1'"  sing N N 180 
DG  "C2'" "H2'"  sing N N 181 
DG  "C2'" "H2''" sing N N 182 
DG  "C1'" N9     sing N N 183 
DG  "C1'" "H1'"  sing N N 184 
DG  N9    C8     sing Y N 185 
DG  N9    C4     sing Y N 186 
DG  C8    N7     doub Y N 187 
DG  C8    H8     sing N N 188 
DG  N7    C5     sing Y N 189 
DG  C5    C6     sing N N 190 
DG  C5    C4     doub Y N 191 
DG  C6    O6     doub N N 192 
DG  C6    N1     sing N N 193 
DG  N1    C2     sing N N 194 
DG  N1    H1     sing N N 195 
DG  C2    N2     sing N N 196 
DG  C2    N3     doub N N 197 
DG  N2    H21    sing N N 198 
DG  N2    H22    sing N N 199 
DG  N3    C4     sing N N 200 
DT  OP3   P      sing N N 201 
DT  OP3   HOP3   sing N N 202 
DT  P     OP1    doub N N 203 
DT  P     OP2    sing N N 204 
DT  P     "O5'"  sing N N 205 
DT  OP2   HOP2   sing N N 206 
DT  "O5'" "C5'"  sing N N 207 
DT  "C5'" "C4'"  sing N N 208 
DT  "C5'" "H5'"  sing N N 209 
DT  "C5'" "H5''" sing N N 210 
DT  "C4'" "O4'"  sing N N 211 
DT  "C4'" "C3'"  sing N N 212 
DT  "C4'" "H4'"  sing N N 213 
DT  "O4'" "C1'"  sing N N 214 
DT  "C3'" "O3'"  sing N N 215 
DT  "C3'" "C2'"  sing N N 216 
DT  "C3'" "H3'"  sing N N 217 
DT  "O3'" "HO3'" sing N N 218 
DT  "C2'" "C1'"  sing N N 219 
DT  "C2'" "H2'"  sing N N 220 
DT  "C2'" "H2''" sing N N 221 
DT  "C1'" N1     sing N N 222 
DT  "C1'" "H1'"  sing N N 223 
DT  N1    C2     sing N N 224 
DT  N1    C6     sing N N 225 
DT  C2    O2     doub N N 226 
DT  C2    N3     sing N N 227 
DT  N3    C4     sing N N 228 
DT  N3    H3     sing N N 229 
DT  C4    O4     doub N N 230 
DT  C4    C5     sing N N 231 
DT  C5    C7     sing N N 232 
DT  C5    C6     doub N N 233 
DT  C7    H71    sing N N 234 
DT  C7    H72    sing N N 235 
DT  C7    H73    sing N N 236 
DT  C6    H6     sing N N 237 
HOH O     H1     sing N N 238 
HOH O     H2     sing N N 239 
# 
_ndb_struct_conf_na.entry_id   1NAB 
_ndb_struct_conf_na.feature    'b-form double helix' 
# 
loop_
_ndb_struct_na_base_pair.model_number 
_ndb_struct_na_base_pair.i_label_asym_id 
_ndb_struct_na_base_pair.i_label_comp_id 
_ndb_struct_na_base_pair.i_label_seq_id 
_ndb_struct_na_base_pair.i_symmetry 
_ndb_struct_na_base_pair.j_label_asym_id 
_ndb_struct_na_base_pair.j_label_comp_id 
_ndb_struct_na_base_pair.j_label_seq_id 
_ndb_struct_na_base_pair.j_symmetry 
_ndb_struct_na_base_pair.shear 
_ndb_struct_na_base_pair.stretch 
_ndb_struct_na_base_pair.stagger 
_ndb_struct_na_base_pair.buckle 
_ndb_struct_na_base_pair.propeller 
_ndb_struct_na_base_pair.opening 
_ndb_struct_na_base_pair.pair_number 
_ndb_struct_na_base_pair.pair_name 
_ndb_struct_na_base_pair.i_auth_asym_id 
_ndb_struct_na_base_pair.i_auth_seq_id 
_ndb_struct_na_base_pair.i_PDB_ins_code 
_ndb_struct_na_base_pair.j_auth_asym_id 
_ndb_struct_na_base_pair.j_auth_seq_id 
_ndb_struct_na_base_pair.j_PDB_ins_code 
_ndb_struct_na_base_pair.hbond_type_28 
_ndb_struct_na_base_pair.hbond_type_12 
1 A DC 1 1_555 B DG 6 1_555 0.118  -0.047 0.210  10.799  1.895   -4.238 1 A_DC1:DG12_B A 1 ? B 12 ? 19 1 
1 A DG 2 1_555 B DC 5 1_555 -0.518 0.159  -0.372 -27.109 -3.273  2.793  2 A_DG2:DC11_B A 2 ? B 11 ? 19 1 
1 A DA 3 1_555 B DT 4 1_555 0.036  -0.013 -0.303 -10.264 -14.101 -6.113 3 A_DA3:DT10_B A 3 ? B 10 ? 20 1 
1 A DT 4 1_555 B DA 3 1_555 -0.210 0.125  0.060  0.178   -4.705  -3.415 4 A_DT4:DA9_B  A 4 ? B 9  ? 20 1 
1 A DC 5 1_555 B DG 2 1_555 0.226  0.050  -0.444 12.828  7.737   -1.980 5 A_DC5:DG8_B  A 5 ? B 8  ? 19 1 
1 A DG 6 1_555 B DC 1 1_555 -0.023 0.132  0.176  -2.753  -1.135  -0.927 6 A_DG6:DC7_B  A 6 ? B 7  ? 19 1 
# 
loop_
_ndb_struct_na_base_pair_step.model_number 
_ndb_struct_na_base_pair_step.i_label_asym_id_1 
_ndb_struct_na_base_pair_step.i_label_comp_id_1 
_ndb_struct_na_base_pair_step.i_label_seq_id_1 
_ndb_struct_na_base_pair_step.i_symmetry_1 
_ndb_struct_na_base_pair_step.j_label_asym_id_1 
_ndb_struct_na_base_pair_step.j_label_comp_id_1 
_ndb_struct_na_base_pair_step.j_label_seq_id_1 
_ndb_struct_na_base_pair_step.j_symmetry_1 
_ndb_struct_na_base_pair_step.i_label_asym_id_2 
_ndb_struct_na_base_pair_step.i_label_comp_id_2 
_ndb_struct_na_base_pair_step.i_label_seq_id_2 
_ndb_struct_na_base_pair_step.i_symmetry_2 
_ndb_struct_na_base_pair_step.j_label_asym_id_2 
_ndb_struct_na_base_pair_step.j_label_comp_id_2 
_ndb_struct_na_base_pair_step.j_label_seq_id_2 
_ndb_struct_na_base_pair_step.j_symmetry_2 
_ndb_struct_na_base_pair_step.shift 
_ndb_struct_na_base_pair_step.slide 
_ndb_struct_na_base_pair_step.rise 
_ndb_struct_na_base_pair_step.tilt 
_ndb_struct_na_base_pair_step.roll 
_ndb_struct_na_base_pair_step.twist 
_ndb_struct_na_base_pair_step.x_displacement 
_ndb_struct_na_base_pair_step.y_displacement 
_ndb_struct_na_base_pair_step.helical_rise 
_ndb_struct_na_base_pair_step.inclination 
_ndb_struct_na_base_pair_step.tip 
_ndb_struct_na_base_pair_step.helical_twist 
_ndb_struct_na_base_pair_step.step_number 
_ndb_struct_na_base_pair_step.step_name 
_ndb_struct_na_base_pair_step.i_auth_asym_id_1 
_ndb_struct_na_base_pair_step.i_auth_seq_id_1 
_ndb_struct_na_base_pair_step.i_PDB_ins_code_1 
_ndb_struct_na_base_pair_step.j_auth_asym_id_1 
_ndb_struct_na_base_pair_step.j_auth_seq_id_1 
_ndb_struct_na_base_pair_step.j_PDB_ins_code_1 
_ndb_struct_na_base_pair_step.i_auth_asym_id_2 
_ndb_struct_na_base_pair_step.i_auth_seq_id_2 
_ndb_struct_na_base_pair_step.i_PDB_ins_code_2 
_ndb_struct_na_base_pair_step.j_auth_asym_id_2 
_ndb_struct_na_base_pair_step.j_auth_seq_id_2 
_ndb_struct_na_base_pair_step.j_PDB_ins_code_2 
1 A DC 1 1_555 B DG 6 1_555 A DG 2 1_555 B DC 5 1_555 1.275  1.096  7.308 2.460  1.137  36.039 1.406  -1.274 7.406 1.835  -3.969  
36.138 1 AA_DC1DG2:DC11DG12_BB A 1 ? B 12 ? A 2 ? B 11 ? 
1 A DG 2 1_555 B DC 5 1_555 A DA 3 1_555 B DT 4 1_555 -1.945 0.959  3.056 -4.481 -1.260 33.698 1.835  2.633  3.243 -2.161 7.683   
34.009 2 AA_DG2DA3:DT10DC11_BB A 2 ? B 11 ? A 3 ? B 10 ? 
1 A DA 3 1_555 B DT 4 1_555 A DT 4 1_555 B DA 3 1_555 0.135  -0.624 3.156 -1.434 0.683  28.571 -1.412 -0.585 3.130 1.383  2.903   
28.614 3 AA_DA3DT4:DA9DT10_BB  A 3 ? B 10 ? A 4 ? B 9  ? 
1 A DT 4 1_555 B DA 3 1_555 A DC 5 1_555 B DG 2 1_555 1.662  1.084  3.136 7.525  3.630  32.981 1.256  -1.600 3.515 6.269  -12.997 
33.994 4 AA_DT4DC5:DG8DA9_BB   A 4 ? B 9  ? A 5 ? B 8  ? 
1 A DC 5 1_555 B DG 2 1_555 A DG 6 1_555 B DC 1 1_555 -1.104 0.920  6.939 -4.851 -0.004 30.579 1.726  0.055  7.026 -0.008 9.126   
30.953 5 AA_DC5DG6:DC7DG8_BB   A 5 ? B 8  ? A 6 ? B 7  ? 
# 
_atom_sites.entry_id                    1NAB 
_atom_sites.fract_transf_matrix[1][1]   0.02611840 
_atom_sites.fract_transf_matrix[1][2]   -0.00044023 
_atom_sites.fract_transf_matrix[1][3]   0.00412628 
_atom_sites.fract_transf_matrix[2][1]   -0.00395515 
_atom_sites.fract_transf_matrix[2][2]   -0.01059831 
_atom_sites.fract_transf_matrix[2][3]   0.02390447 
_atom_sites.fract_transf_matrix[3][1]   0.00075344 
_atom_sites.fract_transf_matrix[3][2]   -0.01453564 
_atom_sites.fract_transf_matrix[3][3]   -0.00631988 
_atom_sites.fract_transf_vector[1]      0.214180 
_atom_sites.fract_transf_vector[2]      0.314947 
_atom_sites.fract_transf_vector[3]      0.230794 
# 
loop_
_atom_type.symbol 
C 
N 
O 
P 
# 
loop_
_atom_site.group_PDB 
_atom_site.id 
_atom_site.type_symbol 
_atom_site.label_atom_id 
_atom_site.label_alt_id 
_atom_site.label_comp_id 
_atom_site.label_asym_id 
_atom_site.label_entity_id 
_atom_site.label_seq_id 
_atom_site.pdbx_PDB_ins_code 
_atom_site.Cartn_x 
_atom_site.Cartn_y 
_atom_site.Cartn_z 
_atom_site.occupancy 
_atom_site.B_iso_or_equiv 
_atom_site.pdbx_formal_charge 
_atom_site.auth_seq_id 
_atom_site.auth_comp_id 
_atom_site.auth_asym_id 
_atom_site.auth_atom_id 
_atom_site.pdbx_PDB_model_num 
ATOM   1   O "O5'" . DC  A 1 1 ? 4.856   -1.959  -12.796 1.00 24.91 ? 1  DC  A "O5'" 1 
ATOM   2   C "C5'" . DC  A 1 1 ? 4.837   -2.923  -11.688 1.00 24.84 ? 1  DC  A "C5'" 1 
ATOM   3   C "C4'" . DC  A 1 1 ? 6.178   -3.475  -11.322 1.00 25.31 ? 1  DC  A "C4'" 1 
ATOM   4   O "O4'" . DC  A 1 1 ? 7.360   -2.645  -11.364 1.00 24.60 ? 1  DC  A "O4'" 1 
ATOM   5   C "C3'" . DC  A 1 1 ? 6.278   -3.987  -9.846  1.00 26.04 ? 1  DC  A "C3'" 1 
ATOM   6   O "O3'" . DC  A 1 1 ? 7.214   -4.981  -10.011 1.00 28.90 ? 1  DC  A "O3'" 1 
ATOM   7   C "C2'" . DC  A 1 1 ? 6.924   -2.929  -9.023  1.00 24.98 ? 1  DC  A "C2'" 1 
ATOM   8   C "C1'" . DC  A 1 1 ? 7.739   -2.123  -10.050 1.00 23.53 ? 1  DC  A "C1'" 1 
ATOM   9   N N1    . DC  A 1 1 ? 7.483   -0.608  -9.940  1.00 22.63 ? 1  DC  A N1    1 
ATOM   10  C C2    . DC  A 1 1 ? 8.116   0.082   -8.935  1.00 21.96 ? 1  DC  A C2    1 
ATOM   11  O O2    . DC  A 1 1 ? 8.883   -0.465  -8.126  1.00 22.86 ? 1  DC  A O2    1 
ATOM   12  N N3    . DC  A 1 1 ? 7.881   1.419   -8.828  1.00 20.60 ? 1  DC  A N3    1 
ATOM   13  C C4    . DC  A 1 1 ? 7.048   2.135   -9.658  1.00 20.61 ? 1  DC  A C4    1 
ATOM   14  N N4    . DC  A 1 1 ? 6.894   3.480   -9.508  1.00 19.87 ? 1  DC  A N4    1 
ATOM   15  C C5    . DC  A 1 1 ? 6.429   1.415   -10.731 1.00 21.57 ? 1  DC  A C5    1 
ATOM   16  C C6    . DC  A 1 1 ? 6.666   0.089   -10.820 1.00 21.91 ? 1  DC  A C6    1 
ATOM   17  P P     . DG  A 1 2 ? 7.118   -6.364  -9.213  1.00 30.94 ? 2  DG  A P     1 
ATOM   18  O OP1   . DG  A 1 2 ? 8.497   -6.808  -9.120  1.00 31.04 ? 2  DG  A OP1   1 
ATOM   19  O OP2   . DG  A 1 2 ? 6.136   -7.000  -10.022 1.00 31.62 ? 2  DG  A OP2   1 
ATOM   20  O "O5'" . DG  A 1 2 ? 6.461   -6.304  -7.690  1.00 30.66 ? 2  DG  A "O5'" 1 
ATOM   21  C "C5'" . DG  A 1 2 ? 7.565   -6.163  -6.713  1.00 29.25 ? 2  DG  A "C5'" 1 
ATOM   22  C "C4'" . DG  A 1 2 ? 6.924   -5.555  -5.528  1.00 28.81 ? 2  DG  A "C4'" 1 
ATOM   23  O "O4'" . DG  A 1 2 ? 6.191   -4.351  -5.822  1.00 27.64 ? 2  DG  A "O4'" 1 
ATOM   24  C "C3'" . DG  A 1 2 ? 5.736   -6.451  -5.081  1.00 29.61 ? 2  DG  A "C3'" 1 
ATOM   25  O "O3'" . DG  A 1 2 ? 5.810   -6.473  -3.709  1.00 31.59 ? 2  DG  A "O3'" 1 
ATOM   26  C "C2'" . DG  A 1 2 ? 4.605   -5.624  -5.709  1.00 28.78 ? 2  DG  A "C2'" 1 
ATOM   27  C "C1'" . DG  A 1 2 ? 4.958   -4.163  -5.170  1.00 26.82 ? 2  DG  A "C1'" 1 
ATOM   28  N N9    . DG  A 1 2 ? 4.072   -3.210  -5.693  1.00 25.53 ? 2  DG  A N9    1 
ATOM   29  C C8    . DG  A 1 2 ? 3.390   -3.231  -6.848  1.00 25.33 ? 2  DG  A C8    1 
ATOM   30  N N7    . DG  A 1 2 ? 2.608   -2.164  -7.119  1.00 25.18 ? 2  DG  A N7    1 
ATOM   31  C C5    . DG  A 1 2 ? 2.850   -1.373  -5.996  1.00 25.09 ? 2  DG  A C5    1 
ATOM   32  C C6    . DG  A 1 2 ? 2.358   -0.087  -5.629  1.00 24.79 ? 2  DG  A C6    1 
ATOM   33  O O6    . DG  A 1 2 ? 1.559   0.687   -6.255  1.00 24.65 ? 2  DG  A O6    1 
ATOM   34  N N1    . DG  A 1 2 ? 2.778   0.450   -4.472  1.00 24.53 ? 2  DG  A N1    1 
ATOM   35  C C2    . DG  A 1 2 ? 3.672   -0.259  -3.715  1.00 24.85 ? 2  DG  A C2    1 
ATOM   36  N N2    . DG  A 1 2 ? 4.095   0.186   -2.631  1.00 23.90 ? 2  DG  A N2    1 
ATOM   37  N N3    . DG  A 1 2 ? 4.217   -1.477  -3.951  1.00 25.42 ? 2  DG  A N3    1 
ATOM   38  C C4    . DG  A 1 2 ? 3.734   -1.976  -5.138  1.00 25.14 ? 2  DG  A C4    1 
ATOM   39  P P     . DA  A 1 3 ? 5.712   -7.799  -2.821  1.00 33.71 ? 3  DA  A P     1 
ATOM   40  O OP1   . DA  A 1 3 ? 6.855   -8.591  -3.255  1.00 33.76 ? 3  DA  A OP1   1 
ATOM   41  O OP2   . DA  A 1 3 ? 4.322   -8.280  -2.988  1.00 33.49 ? 3  DA  A OP2   1 
ATOM   42  O "O5'" . DA  A 1 3 ? 6.002   -7.459  -1.230  1.00 32.89 ? 3  DA  A "O5'" 1 
ATOM   43  C "C5'" . DA  A 1 3 ? 7.193   -6.729  -0.977  1.00 32.62 ? 3  DA  A "C5'" 1 
ATOM   44  C "C4'" . DA  A 1 3 ? 6.806   -5.674  0.030   1.00 32.54 ? 3  DA  A "C4'" 1 
ATOM   45  O "O4'" . DA  A 1 3 ? 5.900   -4.735  -0.704  1.00 31.98 ? 3  DA  A "O4'" 1 
ATOM   46  C "C3'" . DA  A 1 3 ? 6.056   -6.149  1.288   1.00 32.65 ? 3  DA  A "C3'" 1 
ATOM   47  O "O3'" . DA  A 1 3 ? 6.626   -5.575  2.440   1.00 33.91 ? 3  DA  A "O3'" 1 
ATOM   48  C "C2'" . DA  A 1 3 ? 4.595   -5.679  1.059   1.00 31.90 ? 3  DA  A "C2'" 1 
ATOM   49  C "C1'" . DA  A 1 3 ? 4.747   -4.397  0.188   1.00 30.25 ? 3  DA  A "C1'" 1 
ATOM   50  N N9    . DA  A 1 3 ? 3.689   -4.015  -0.659  1.00 28.45 ? 3  DA  A N9    1 
ATOM   51  C C8    . DA  A 1 3 ? 3.111   -4.713  -1.607  1.00 27.66 ? 3  DA  A C8    1 
ATOM   52  N N7    . DA  A 1 3 ? 2.149   -4.116  -2.288  1.00 27.35 ? 3  DA  A N7    1 
ATOM   53  C C5    . DA  A 1 3 ? 2.167   -2.866  -1.710  1.00 27.33 ? 3  DA  A C5    1 
ATOM   54  C C6    . DA  A 1 3 ? 1.355   -1.714  -1.974  1.00 27.12 ? 3  DA  A C6    1 
ATOM   55  N N6    . DA  A 1 3 ? 0.398   -1.715  -2.972  1.00 26.33 ? 3  DA  A N6    1 
ATOM   56  N N1    . DA  A 1 3 ? 1.548   -0.635  -1.187  1.00 26.63 ? 3  DA  A N1    1 
ATOM   57  C C2    . DA  A 1 3 ? 2.497   -0.666  -0.245  1.00 26.46 ? 3  DA  A C2    1 
ATOM   58  N N3    . DA  A 1 3 ? 3.322   -1.659  0.050   1.00 27.31 ? 3  DA  A N3    1 
ATOM   59  C C4    . DA  A 1 3 ? 3.086   -2.742  -0.730  1.00 27.52 ? 3  DA  A C4    1 
ATOM   60  P P     . DT  A 1 4 ? 5.997   -5.940  3.839   1.00 36.31 ? 4  DT  A P     1 
ATOM   61  O OP1   . DT  A 1 4 ? 6.855   -5.778  4.945   1.00 36.47 ? 4  DT  A OP1   1 
ATOM   62  O OP2   . DT  A 1 4 ? 5.291   -7.293  3.654   1.00 36.63 ? 4  DT  A OP2   1 
ATOM   63  O "O5'" . DT  A 1 4 ? 4.940   -4.841  4.491   1.00 35.56 ? 4  DT  A "O5'" 1 
ATOM   64  C "C5'" . DT  A 1 4 ? 5.430   -3.517  4.606   1.00 35.09 ? 4  DT  A "C5'" 1 
ATOM   65  C "C4'" . DT  A 1 4 ? 4.120   -2.783  4.883   1.00 34.71 ? 4  DT  A "C4'" 1 
ATOM   66  O "O4'" . DT  A 1 4 ? 3.276   -2.836  3.682   1.00 34.09 ? 4  DT  A "O4'" 1 
ATOM   67  C "C3'" . DT  A 1 4 ? 3.247   -3.465  5.950   1.00 35.19 ? 4  DT  A "C3'" 1 
ATOM   68  O "O3'" . DT  A 1 4 ? 3.127   -2.565  6.998   1.00 37.14 ? 4  DT  A "O3'" 1 
ATOM   69  C "C2'" . DT  A 1 4 ? 1.941   -3.782  5.243   1.00 34.35 ? 4  DT  A "C2'" 1 
ATOM   70  C "C1'" . DT  A 1 4 ? 1.912   -2.682  4.115   1.00 32.61 ? 4  DT  A "C1'" 1 
ATOM   71  N N1    . DT  A 1 4 ? 1.064   -2.940  2.915   1.00 30.94 ? 4  DT  A N1    1 
ATOM   72  C C2    . DT  A 1 4 ? 0.275   -1.940  2.390   1.00 29.93 ? 4  DT  A C2    1 
ATOM   73  O O2    . DT  A 1 4 ? 0.258   -0.819  2.863   1.00 30.29 ? 4  DT  A O2    1 
ATOM   74  N N3    . DT  A 1 4 ? -0.463  -2.240  1.266   1.00 28.91 ? 4  DT  A N3    1 
ATOM   75  C C4    . DT  A 1 4 ? -0.468  -3.486  0.649   1.00 28.34 ? 4  DT  A C4    1 
ATOM   76  O O4    . DT  A 1 4 ? -1.146  -3.630  -0.380  1.00 26.05 ? 4  DT  A O4    1 
ATOM   77  C C5    . DT  A 1 4 ? 0.334   -4.473  1.260   1.00 29.19 ? 4  DT  A C5    1 
ATOM   78  C C7    . DT  A 1 4 ? 0.490   -5.867  0.752   1.00 29.43 ? 4  DT  A C7    1 
ATOM   79  C C6    . DT  A 1 4 ? 1.091   -4.201  2.339   1.00 29.82 ? 4  DT  A C6    1 
ATOM   80  P P     . DC  A 1 5 ? 2.658   -3.053  8.445   1.00 38.97 ? 5  DC  A P     1 
ATOM   81  O OP1   . DC  A 1 5 ? 3.177   -2.015  9.267   1.00 39.08 ? 5  DC  A OP1   1 
ATOM   82  O OP2   . DC  A 1 5 ? 2.894   -4.489  8.659   1.00 38.58 ? 5  DC  A OP2   1 
ATOM   83  O "O5'" . DC  A 1 5 ? 0.981   -2.821  8.488   1.00 38.58 ? 5  DC  A "O5'" 1 
ATOM   84  C "C5'" . DC  A 1 5 ? 0.710   -1.385  8.176   1.00 37.05 ? 5  DC  A "C5'" 1 
ATOM   85  C "C4'" . DC  A 1 5 ? -0.806  -1.294  7.974   1.00 35.22 ? 5  DC  A "C4'" 1 
ATOM   86  O "O4'" . DC  A 1 5 ? -1.013  -1.833  6.626   1.00 33.43 ? 5  DC  A "O4'" 1 
ATOM   87  C "C3'" . DC  A 1 5 ? -1.630  -2.143  8.975   1.00 34.81 ? 5  DC  A "C3'" 1 
ATOM   88  O "O3'" . DC  A 1 5 ? -2.962  -1.709  9.383   1.00 34.92 ? 5  DC  A "O3'" 1 
ATOM   89  C "C2'" . DC  A 1 5 ? -1.600  -3.470  8.154   1.00 33.63 ? 5  DC  A "C2'" 1 
ATOM   90  C "C1'" . DC  A 1 5 ? -2.034  -2.808  6.785   1.00 32.05 ? 5  DC  A "C1'" 1 
ATOM   91  N N1    . DC  A 1 5 ? -2.132  -3.720  5.613   1.00 30.66 ? 5  DC  A N1    1 
ATOM   92  C C2    . DC  A 1 5 ? -2.726  -3.181  4.507   1.00 29.60 ? 5  DC  A C2    1 
ATOM   93  O O2    . DC  A 1 5 ? -3.171  -2.043  4.414   1.00 28.41 ? 5  DC  A O2    1 
ATOM   94  N N3    . DC  A 1 5 ? -2.798  -4.016  3.396   1.00 28.73 ? 5  DC  A N3    1 
ATOM   95  C C4    . DC  A 1 5 ? -2.286  -5.308  3.390   1.00 28.53 ? 5  DC  A C4    1 
ATOM   96  N N4    . DC  A 1 5 ? -2.489  -5.998  2.247   1.00 28.33 ? 5  DC  A N4    1 
ATOM   97  C C5    . DC  A 1 5 ? -1.685  -5.826  4.544   1.00 29.22 ? 5  DC  A C5    1 
ATOM   98  C C6    . DC  A 1 5 ? -1.603  -5.008  5.614   1.00 29.74 ? 5  DC  A C6    1 
ATOM   99  P P     . DG  A 1 6 ? -3.527  -1.415  10.855  1.00 33.89 ? 6  DG  A P     1 
ATOM   100 O OP1   . DG  A 1 6 ? -2.496  -0.527  11.309  1.00 34.37 ? 6  DG  A OP1   1 
ATOM   101 O OP2   . DG  A 1 6 ? -3.768  -2.753  11.467  1.00 33.70 ? 6  DG  A OP2   1 
ATOM   102 O "O5'" . DG  A 1 6 ? -4.824  -0.413  10.958  1.00 31.02 ? 6  DG  A "O5'" 1 
ATOM   103 C "C5'" . DG  A 1 6 ? -5.014  0.579   10.016  1.00 26.84 ? 6  DG  A "C5'" 1 
ATOM   104 C "C4'" . DG  A 1 6 ? -6.491  0.954   10.100  1.00 24.14 ? 6  DG  A "C4'" 1 
ATOM   105 O "O4'" . DG  A 1 6 ? -7.154  0.099   9.189   1.00 22.78 ? 6  DG  A "O4'" 1 
ATOM   106 C "C3'" . DG  A 1 6 ? -7.291  0.710   11.404  1.00 22.96 ? 6  DG  A "C3'" 1 
ATOM   107 O "O3'" . DG  A 1 6 ? -8.372  1.704   11.394  1.00 23.42 ? 6  DG  A "O3'" 1 
ATOM   108 C "C2'" . DG  A 1 6 ? -7.628  -0.727  11.346  1.00 21.09 ? 6  DG  A "C2'" 1 
ATOM   109 C "C1'" . DG  A 1 6 ? -8.134  -0.806  9.839   1.00 20.55 ? 6  DG  A "C1'" 1 
ATOM   110 N N9    . DG  A 1 6 ? -8.139  -2.083  9.230   1.00 18.51 ? 6  DG  A N9    1 
ATOM   111 C C8    . DG  A 1 6 ? -7.440  -3.110  9.714   1.00 17.93 ? 6  DG  A C8    1 
ATOM   112 N N7    . DG  A 1 6 ? -7.504  -4.210  8.977   1.00 18.25 ? 6  DG  A N7    1 
ATOM   113 C C5    . DG  A 1 6 ? -8.338  -3.851  7.924   1.00 18.23 ? 6  DG  A C5    1 
ATOM   114 C C6    . DG  A 1 6 ? -8.806  -4.609  6.828   1.00 17.80 ? 6  DG  A C6    1 
ATOM   115 O O6    . DG  A 1 6 ? -8.520  -5.822  6.518   1.00 18.27 ? 6  DG  A O6    1 
ATOM   116 N N1    . DG  A 1 6 ? -9.613  -3.979  5.949   1.00 17.92 ? 6  DG  A N1    1 
ATOM   117 C C2    . DG  A 1 6 ? -9.910  -2.653  6.200   1.00 17.40 ? 6  DG  A C2    1 
ATOM   118 N N2    . DG  A 1 6 ? -10.657 -2.089  5.368   1.00 16.37 ? 6  DG  A N2    1 
ATOM   119 N N3    . DG  A 1 6 ? -9.529  -1.840  7.192   1.00 17.57 ? 6  DG  A N3    1 
ATOM   120 C C4    . DG  A 1 6 ? -8.727  -2.540  8.030   1.00 18.16 ? 6  DG  A C4    1 
ATOM   121 O "O5'" . DC  B 1 1 ? -13.066 -7.073  -2.159  1.00 22.19 ? 7  DC  B "O5'" 1 
ATOM   122 C "C5'" . DC  B 1 1 ? -14.002 -6.115  -2.605  1.00 22.56 ? 7  DC  B "C5'" 1 
ATOM   123 C "C4'" . DC  B 1 1 ? -13.709 -4.872  -1.759  1.00 23.06 ? 7  DC  B "C4'" 1 
ATOM   124 O "O4'" . DC  B 1 1 ? -13.461 -5.149  -0.397  1.00 22.57 ? 7  DC  B "O4'" 1 
ATOM   125 C "C3'" . DC  B 1 1 ? -12.336 -4.236  -2.190  1.00 24.07 ? 7  DC  B "C3'" 1 
ATOM   126 O "O3'" . DC  B 1 1 ? -12.662 -3.184  -3.095  1.00 26.26 ? 7  DC  B "O3'" 1 
ATOM   127 C "C2'" . DC  B 1 1 ? -11.604 -4.024  -0.913  1.00 22.95 ? 7  DC  B "C2'" 1 
ATOM   128 C "C1'" . DC  B 1 1 ? -12.590 -4.344  0.276   1.00 21.94 ? 7  DC  B "C1'" 1 
ATOM   129 N N1    . DC  B 1 1 ? -11.815 -5.134  1.270   1.00 21.21 ? 7  DC  B N1    1 
ATOM   130 C C2    . DC  B 1 1 ? -11.370 -4.492  2.378   1.00 21.25 ? 7  DC  B C2    1 
ATOM   131 O O2    . DC  B 1 1 ? -11.585 -3.327  2.772   1.00 21.36 ? 7  DC  B O2    1 
ATOM   132 N N3    . DC  B 1 1 ? -10.584 -5.235  3.262   1.00 20.56 ? 7  DC  B N3    1 
ATOM   133 C C4    . DC  B 1 1 ? -10.200 -6.533  3.017   1.00 19.94 ? 7  DC  B C4    1 
ATOM   134 N N4    . DC  B 1 1 ? -9.442  -7.019  4.036   1.00 20.02 ? 7  DC  B N4    1 
ATOM   135 C C5    . DC  B 1 1 ? -10.661 -7.142  1.847   1.00 19.96 ? 7  DC  B C5    1 
ATOM   136 C C6    . DC  B 1 1 ? -11.437 -6.434  1.046   1.00 20.43 ? 7  DC  B C6    1 
ATOM   137 P P     . DG  B 1 2 ? -11.670 -2.554  -4.191  1.00 27.28 ? 8  DG  B P     1 
ATOM   138 O OP1   . DG  B 1 2 ? -12.482 -1.786  -5.119  1.00 28.64 ? 8  DG  B OP1   1 
ATOM   139 O OP2   . DG  B 1 2 ? -10.926 -3.647  -4.704  1.00 27.64 ? 8  DG  B OP2   1 
ATOM   140 O "O5'" . DG  B 1 2 ? -10.601 -1.602  -3.466  1.00 25.57 ? 8  DG  B "O5'" 1 
ATOM   141 C "C5'" . DG  B 1 2 ? -11.118 -0.340  -3.093  1.00 22.51 ? 8  DG  B "C5'" 1 
ATOM   142 C "C4'" . DG  B 1 2 ? -9.755  0.284   -2.688  1.00 20.72 ? 8  DG  B "C4'" 1 
ATOM   143 O "O4'" . DG  B 1 2 ? -9.018  -0.597  -1.869  1.00 18.96 ? 8  DG  B "O4'" 1 
ATOM   144 C "C3'" . DG  B 1 2 ? -8.819  0.563   -3.948  1.00 20.67 ? 8  DG  B "C3'" 1 
ATOM   145 O "O3'" . DG  B 1 2 ? -8.482  1.875   -3.662  1.00 21.54 ? 8  DG  B "O3'" 1 
ATOM   146 C "C2'" . DG  B 1 2 ? -7.831  -0.563  -3.799  1.00 19.78 ? 8  DG  B "C2'" 1 
ATOM   147 C "C1'" . DG  B 1 2 ? -7.640  -0.654  -2.255  1.00 18.56 ? 8  DG  B "C1'" 1 
ATOM   148 N N9    . DG  B 1 2 ? -6.997  -1.842  -1.898  1.00 17.56 ? 8  DG  B N9    1 
ATOM   149 C C8    . DG  B 1 2 ? -7.053  -3.027  -2.520  1.00 17.27 ? 8  DG  B C8    1 
ATOM   150 N N7    . DG  B 1 2 ? -6.316  -3.987  -1.933  1.00 16.49 ? 8  DG  B N7    1 
ATOM   151 C C5    . DG  B 1 2 ? -5.783  -3.376  -0.884  1.00 16.55 ? 8  DG  B C5    1 
ATOM   152 C C6    . DG  B 1 2 ? -4.922  -3.843  0.135   1.00 16.37 ? 8  DG  B C6    1 
ATOM   153 O O6    . DG  B 1 2 ? -4.475  -4.993  0.268   1.00 16.89 ? 8  DG  B O6    1 
ATOM   154 N N1    . DG  B 1 2 ? -4.556  -3.031  1.112   1.00 16.69 ? 8  DG  B N1    1 
ATOM   155 C C2    . DG  B 1 2 ? -5.041  -1.750  1.018   1.00 17.46 ? 8  DG  B C2    1 
ATOM   156 N N2    . DG  B 1 2 ? -4.738  -0.954  1.944   1.00 18.93 ? 8  DG  B N2    1 
ATOM   157 N N3    . DG  B 1 2 ? -5.846  -1.121  0.122   1.00 17.48 ? 8  DG  B N3    1 
ATOM   158 C C4    . DG  B 1 2 ? -6.169  -2.056  -0.818  1.00 17.33 ? 8  DG  B C4    1 
ATOM   159 P P     . DA  B 1 3 ? -8.345  3.170   -4.584  1.00 20.79 ? 9  DA  B P     1 
ATOM   160 O OP1   . DA  B 1 3 ? -9.634  3.528   -4.990  1.00 20.43 ? 9  DA  B OP1   1 
ATOM   161 O OP2   . DA  B 1 3 ? -7.363  2.700   -5.570  1.00 21.42 ? 9  DA  B OP2   1 
ATOM   162 O "O5'" . DA  B 1 3 ? -7.830  4.427   -3.665  1.00 20.70 ? 9  DA  B "O5'" 1 
ATOM   163 C "C5'" . DA  B 1 3 ? -8.138  4.914   -2.417  1.00 19.15 ? 9  DA  B "C5'" 1 
ATOM   164 C "C4'" . DA  B 1 3 ? -7.109  5.405   -1.556  1.00 19.33 ? 9  DA  B "C4'" 1 
ATOM   165 O "O4'" . DA  B 1 3 ? -6.311  4.397   -0.947  1.00 20.08 ? 9  DA  B "O4'" 1 
ATOM   166 C "C3'" . DA  B 1 3 ? -5.913  6.130   -2.337  1.00 20.47 ? 9  DA  B "C3'" 1 
ATOM   167 O "O3'" . DA  B 1 3 ? -5.732  7.195   -1.409  1.00 21.73 ? 9  DA  B "O3'" 1 
ATOM   168 C "C2'" . DA  B 1 3 ? -4.900  5.054   -2.635  1.00 19.68 ? 9  DA  B "C2'" 1 
ATOM   169 C "C1'" . DA  B 1 3 ? -4.971  4.098   -1.363  1.00 19.44 ? 9  DA  B "C1'" 1 
ATOM   170 N N9    . DA  B 1 3 ? -4.652  2.756   -1.689  1.00 19.54 ? 9  DA  B N9    1 
ATOM   171 C C8    . DA  B 1 3 ? -5.011  2.047   -2.744  1.00 18.71 ? 9  DA  B C8    1 
ATOM   172 N N7    . DA  B 1 3 ? -4.555  0.823   -2.801  1.00 18.79 ? 9  DA  B N7    1 
ATOM   173 C C5    . DA  B 1 3 ? -3.741  0.729   -1.713  1.00 19.30 ? 9  DA  B C5    1 
ATOM   174 C C6    . DA  B 1 3 ? -2.923  -0.340  -1.211  1.00 19.80 ? 9  DA  B C6    1 
ATOM   175 N N6    . DA  B 1 3 ? -2.826  -1.574  -1.813  1.00 19.32 ? 9  DA  B N6    1 
ATOM   176 N N1    . DA  B 1 3 ? -2.242  -0.182  -0.057  1.00 19.77 ? 9  DA  B N1    1 
ATOM   177 C C2    . DA  B 1 3 ? -2.339  1.035   0.550   1.00 19.36 ? 9  DA  B C2    1 
ATOM   178 N N3    . DA  B 1 3 ? -3.057  2.103   0.160   1.00 19.55 ? 9  DA  B N3    1 
ATOM   179 C C4    . DA  B 1 3 ? -3.753  1.875   -0.980  1.00 19.44 ? 9  DA  B C4    1 
ATOM   180 P P     . DT  B 1 4 ? -4.716  8.369   -1.583  1.00 22.82 ? 10 DT  B P     1 
ATOM   181 O OP1   . DT  B 1 4 ? -5.078  9.572   -0.929  1.00 23.05 ? 10 DT  B OP1   1 
ATOM   182 O OP2   . DT  B 1 4 ? -4.522  8.536   -3.036  1.00 23.37 ? 10 DT  B OP2   1 
ATOM   183 O "O5'" . DT  B 1 4 ? -3.306  7.955   -0.859  1.00 22.30 ? 10 DT  B "O5'" 1 
ATOM   184 C "C5'" . DT  B 1 4 ? -3.159  7.448   0.434   1.00 22.20 ? 10 DT  B "C5'" 1 
ATOM   185 C "C4'" . DT  B 1 4 ? -1.728  6.964   0.581   1.00 22.08 ? 10 DT  B "C4'" 1 
ATOM   186 O "O4'" . DT  B 1 4 ? -1.641  5.652   0.110   1.00 21.87 ? 10 DT  B "O4'" 1 
ATOM   187 C "C3'" . DT  B 1 4 ? -0.529  7.665   -0.240  1.00 22.84 ? 10 DT  B "C3'" 1 
ATOM   188 O "O3'" . DT  B 1 4 ? 0.351   8.083   0.752   1.00 23.44 ? 10 DT  B "O3'" 1 
ATOM   189 C "C2'" . DT  B 1 4 ? -0.034  6.643   -1.233  1.00 21.92 ? 10 DT  B "C2'" 1 
ATOM   190 C "C1'" . DT  B 1 4 ? -0.339  5.317   -0.483  1.00 21.68 ? 10 DT  B "C1'" 1 
ATOM   191 N N1    . DT  B 1 4 ? -0.437  4.090   -1.328  1.00 21.22 ? 10 DT  B N1    1 
ATOM   192 C C2    . DT  B 1 4 ? 0.085   2.902   -0.906  1.00 21.67 ? 10 DT  B C2    1 
ATOM   193 O O2    . DT  B 1 4 ? 0.654   2.802   0.184   1.00 22.05 ? 10 DT  B O2    1 
ATOM   194 N N3    . DT  B 1 4 ? -0.017  1.827   -1.752  1.00 21.14 ? 10 DT  B N3    1 
ATOM   195 C C4    . DT  B 1 4 ? -0.676  1.897   -2.959  1.00 21.26 ? 10 DT  B C4    1 
ATOM   196 O O4    . DT  B 1 4 ? -0.780  0.869   -3.691  1.00 22.05 ? 10 DT  B O4    1 
ATOM   197 C C5    . DT  B 1 4 ? -1.231  3.133   -3.382  1.00 20.76 ? 10 DT  B C5    1 
ATOM   198 C C7    . DT  B 1 4 ? -1.915  3.351   -4.678  1.00 20.27 ? 10 DT  B C7    1 
ATOM   199 C C6    . DT  B 1 4 ? -1.089  4.156   -2.553  1.00 21.28 ? 10 DT  B C6    1 
ATOM   200 P P     . DC  B 1 5 ? 1.476   9.134   0.861   1.00 23.80 ? 11 DC  B P     1 
ATOM   201 O OP1   . DC  B 1 5 ? 1.558   9.357   2.241   1.00 24.61 ? 11 DC  B OP1   1 
ATOM   202 O OP2   . DC  B 1 5 ? 1.160   10.175  -0.148  1.00 24.07 ? 11 DC  B OP2   1 
ATOM   203 O "O5'" . DC  B 1 5 ? 2.929   8.447   0.558   1.00 23.87 ? 11 DC  B "O5'" 1 
ATOM   204 C "C5'" . DC  B 1 5 ? 3.520   7.358   1.139   1.00 23.92 ? 11 DC  B "C5'" 1 
ATOM   205 C "C4'" . DC  B 1 5 ? 4.483   6.613   0.198   1.00 23.91 ? 11 DC  B "C4'" 1 
ATOM   206 O "O4'" . DC  B 1 5 ? 3.657   5.714   -0.588  1.00 23.78 ? 11 DC  B "O4'" 1 
ATOM   207 C "C3'" . DC  B 1 5 ? 5.330   7.403   -0.808  1.00 24.39 ? 11 DC  B "C3'" 1 
ATOM   208 O "O3'" . DC  B 1 5 ? 6.722   7.138   -0.854  1.00 25.01 ? 11 DC  B "O3'" 1 
ATOM   209 C "C2'" . DC  B 1 5 ? 4.745   7.085   -2.188  1.00 23.67 ? 11 DC  B "C2'" 1 
ATOM   210 C "C1'" . DC  B 1 5 ? 4.113   5.673   -1.848  1.00 23.70 ? 11 DC  B "C1'" 1 
ATOM   211 N N1    . DC  B 1 5 ? 3.168   5.287   -2.937  1.00 23.42 ? 11 DC  B N1    1 
ATOM   212 C C2    . DC  B 1 5 ? 3.059   3.928   -3.022  1.00 23.31 ? 11 DC  B C2    1 
ATOM   213 O O2    . DC  B 1 5 ? 3.603   3.148   -2.287  1.00 22.35 ? 11 DC  B O2    1 
ATOM   214 N N3    . DC  B 1 5 ? 2.301   3.437   -4.072  1.00 23.49 ? 11 DC  B N3    1 
ATOM   215 C C4    . DC  B 1 5 ? 1.651   4.327   -4.994  1.00 23.90 ? 11 DC  B C4    1 
ATOM   216 N N4    . DC  B 1 5 ? 0.921   3.664   -5.994  1.00 24.13 ? 11 DC  B N4    1 
ATOM   217 C C5    . DC  B 1 5 ? 1.766   5.759   -4.871  1.00 22.83 ? 11 DC  B C5    1 
ATOM   218 C C6    . DC  B 1 5 ? 2.544   6.152   -3.861  1.00 23.50 ? 11 DC  B C6    1 
ATOM   219 P P     . DG  B 1 6 ? 7.912   7.752   0.012   1.00 25.34 ? 12 DG  B P     1 
ATOM   220 O OP1   . DG  B 1 6 ? 7.437   7.482   1.320   1.00 25.65 ? 12 DG  B OP1   1 
ATOM   221 O OP2   . DG  B 1 6 ? 8.363   9.012   -0.555  1.00 24.86 ? 12 DG  B OP2   1 
ATOM   222 O "O5'" . DG  B 1 6 ? 9.132   6.695   -0.117  1.00 24.59 ? 12 DG  B "O5'" 1 
ATOM   223 C "C5'" . DG  B 1 6 ? 9.361   5.653   0.773   1.00 23.06 ? 12 DG  B "C5'" 1 
ATOM   224 C "C4'" . DG  B 1 6 ? 10.435  4.786   0.156   1.00 21.32 ? 12 DG  B "C4'" 1 
ATOM   225 O "O4'" . DG  B 1 6 ? 10.213  4.327   -1.172  1.00 20.82 ? 12 DG  B "O4'" 1 
ATOM   226 C "C3'" . DG  B 1 6 ? 11.790  5.480   -0.107  1.00 21.06 ? 12 DG  B "C3'" 1 
ATOM   227 O "O3'" . DG  B 1 6 ? 12.531  4.379   0.218   1.00 21.29 ? 12 DG  B "O3'" 1 
ATOM   228 C "C2'" . DG  B 1 6 ? 11.782  5.954   -1.580  1.00 20.19 ? 12 DG  B "C2'" 1 
ATOM   229 C "C1'" . DG  B 1 6 ? 11.135  4.731   -2.199  1.00 19.49 ? 12 DG  B "C1'" 1 
ATOM   230 N N9    . DG  B 1 6 ? 10.412  5.021   -3.378  1.00 18.65 ? 12 DG  B N9    1 
ATOM   231 C C8    . DG  B 1 6 ? 9.796   6.174   -3.651  1.00 18.42 ? 12 DG  B C8    1 
ATOM   232 N N7    . DG  B 1 6 ? 9.110   6.183   -4.781  1.00 18.17 ? 12 DG  B N7    1 
ATOM   233 C C5    . DG  B 1 6 ? 9.380   4.900   -5.247  1.00 18.55 ? 12 DG  B C5    1 
ATOM   234 C C6    . DG  B 1 6 ? 8.970   4.242   -6.426  1.00 18.97 ? 12 DG  B C6    1 
ATOM   235 O O6    . DG  B 1 6 ? 8.267   4.868   -7.269  1.00 20.53 ? 12 DG  B O6    1 
ATOM   236 N N1    . DG  B 1 6 ? 9.311   2.974   -6.664  1.00 18.18 ? 12 DG  B N1    1 
ATOM   237 C C2    . DG  B 1 6 ? 10.070  2.355   -5.768  1.00 18.05 ? 12 DG  B C2    1 
ATOM   238 N N2    . DG  B 1 6 ? 10.344  1.175   -6.027  1.00 18.17 ? 12 DG  B N2    1 
ATOM   239 N N3    . DG  B 1 6 ? 10.536  2.852   -4.638  1.00 18.42 ? 12 DG  B N3    1 
ATOM   240 C C4    . DG  B 1 6 ? 10.150  4.135   -4.439  1.00 18.30 ? 12 DG  B C4    1 
HETATM 241 C C1    . 44D C 2 . ? 3.744   4.041   -8.312  1.00 21.30 ? 41 44D A C1    1 
HETATM 242 C C2    . 44D C 2 . ? 3.409   5.438   -8.493  1.00 20.83 ? 41 44D A C2    1 
HETATM 243 C C3    . 44D C 2 . ? 3.912   6.328   -7.538  1.00 20.92 ? 41 44D A C3    1 
HETATM 244 C C4    . 44D C 2 . ? 4.726   5.957   -6.431  1.00 21.24 ? 41 44D A C4    1 
HETATM 245 C C5    . 44D C 2 . ? 5.846   4.133   -5.281  1.00 21.99 ? 41 44D A C5    1 
HETATM 246 C C6    . 44D C 2 . ? 6.842   2.366   -4.185  1.00 23.44 ? 41 44D A C6    1 
HETATM 247 C C7    . 44D C 2 . ? 8.328   0.860   -3.012  1.00 26.37 ? 41 44D A C7    1 
HETATM 248 C C8    . 44D C 2 . ? 8.485   -0.572  -2.563  1.00 27.32 ? 41 44D A C8    1 
HETATM 249 C C9    . 44D C 2 . ? 7.649   -1.630  -3.346  1.00 28.23 ? 41 44D A C9    1 
HETATM 250 C C10   . 44D C 2 . ? 7.517   -1.099  -4.852  1.00 26.27 ? 41 44D A C10   1 
HETATM 251 C C11   . 44D C 2 . ? 6.049   0.600   -5.898  1.00 22.79 ? 41 44D A C11   1 
HETATM 252 C C12   . 44D C 2 . ? 4.872   2.291   -7.158  1.00 22.08 ? 41 44D A C12   1 
HETATM 253 C C13   . 44D C 2 . ? 8.449   -2.965  -3.345  1.00 29.84 ? 41 44D A C13   1 
HETATM 254 C C14   . 44D C 2 . ? 8.233   -3.990  -2.280  1.00 30.80 ? 41 44D A C14   1 
HETATM 255 C C15   . 44D C 2 . ? 4.540   3.652   -7.241  1.00 21.59 ? 41 44D A C15   1 
HETATM 256 C C16   . 44D C 2 . ? 5.032   4.603   -6.303  1.00 21.68 ? 41 44D A C16   1 
HETATM 257 C C17   . 44D C 2 . ? 6.101   2.790   -5.215  1.00 22.13 ? 41 44D A C17   1 
HETATM 258 C C18   . 44D C 2 . ? 5.666   1.871   -6.096  1.00 21.98 ? 41 44D A C18   1 
HETATM 259 C C19   . 44D C 2 . ? 6.786   0.154   -4.894  1.00 23.99 ? 41 44D A C19   1 
HETATM 260 C C20   . 44D C 2 . ? 7.221   1.104   -4.004  1.00 24.64 ? 41 44D A C20   1 
HETATM 261 O O5    . 44D C 2 . ? 6.286   5.032   -4.336  1.00 22.91 ? 41 44D A O5    1 
HETATM 262 O O6    . 44D C 2 . ? 7.154   3.431   -3.401  1.00 24.36 ? 41 44D A O6    1 
HETATM 263 O O7    . 44D C 2 . ? 8.028   1.674   -1.881  1.00 29.15 ? 41 44D A O7    1 
HETATM 264 O O9    . 44D C 2 . ? 6.279   -1.930  -2.898  1.00 28.59 ? 41 44D A O9    1 
HETATM 265 O O11   . 44D C 2 . ? 5.563   -0.231  -6.861  1.00 23.72 ? 41 44D A O11   1 
HETATM 266 O O12   . 44D C 2 . ? 4.359   1.528   -8.091  1.00 22.81 ? 41 44D A O12   1 
HETATM 267 O O13   . 44D C 2 . ? 9.546   -3.033  -4.260  1.00 31.13 ? 41 44D A O13   1 
HETATM 268 O O14   . 44D C 2 . ? 9.226   -5.114  -2.313  1.00 31.75 ? 41 44D A O14   1 
HETATM 269 C C1B   . 44D C 2 . ? 7.467   1.499   -0.579  1.00 30.37 ? 41 44D A C1B   1 
HETATM 270 C C2B   . 44D C 2 . ? 6.702   2.626   0.170   1.00 30.87 ? 41 44D A C2B   1 
HETATM 271 C C3B   . 44D C 2 . ? 5.339   2.089   0.594   1.00 31.87 ? 41 44D A C3B   1 
HETATM 272 C C4B   . 44D C 2 . ? 5.619   0.828   1.453   1.00 32.84 ? 41 44D A C4B   1 
HETATM 273 C C5B   . 44D C 2 . ? 6.769   -0.081  1.056   1.00 32.59 ? 41 44D A C5B   1 
HETATM 274 C C6B   . 44D C 2 . ? 7.397   -0.768  2.315   1.00 33.17 ? 41 44D A C6B   1 
HETATM 275 O "O3'" . 44D C 2 . ? 4.413   3.029   1.250   1.00 31.01 ? 41 44D A "O3'" 1 
HETATM 276 O O4B   . 44D C 2 . ? 5.774   1.328   2.808   1.00 35.02 ? 41 44D A O4B   1 
HETATM 277 O O5B   . 44D C 2 . ? 7.904   0.545   0.383   1.00 31.29 ? 41 44D A O5B   1 
HETATM 278 C "C1'" . 44D C 2 . ? 5.338   0.609   4.012   1.00 35.84 ? 41 44D A "C1'" 1 
HETATM 279 C "C2'" . 44D C 2 . ? 6.135   1.172   5.204   1.00 36.04 ? 41 44D A "C2'" 1 
HETATM 280 C "C3'" . 44D C 2 . ? 5.845   2.704   5.095   1.00 36.75 ? 41 44D A "C3'" 1 
HETATM 281 C "C4'" . 44D C 2 . ? 4.468   2.894   4.303   1.00 37.39 ? 41 44D A "C4'" 1 
HETATM 282 C "C5'" . 44D C 2 . ? 3.409   1.930   4.922   1.00 36.87 ? 41 44D A "C5'" 1 
HETATM 283 C "C6'" . 44D C 2 . ? 3.385   1.682   6.406   1.00 36.57 ? 41 44D A "C6'" 1 
HETATM 284 O "O4'" . 44D C 2 . ? 4.046   4.281   3.928   1.00 37.58 ? 41 44D A "O4'" 1 
HETATM 285 O "O5'" . 44D C 2 . ? 3.860   0.683   4.285   1.00 36.37 ? 41 44D A "O5'" 1 
HETATM 286 N "N3'" . 44D C 2 . ? 5.999   3.397   6.352   1.00 36.67 ? 41 44D A "N3'" 1 
HETATM 287 C C1    . 44D D 2 . ? -6.146  -7.742  2.579   1.00 19.44 ? 40 44D B C1    1 
HETATM 288 C C2    . 44D D 2 . ? -5.279  -8.719  3.235   1.00 19.97 ? 40 44D B C2    1 
HETATM 289 C C3    . 44D D 2 . ? -4.643  -8.283  4.399   1.00 19.79 ? 40 44D B C3    1 
HETATM 290 C C4    . 44D D 2 . ? -4.822  -6.984  4.916   1.00 19.61 ? 40 44D B C4    1 
HETATM 291 C C5    . 44D D 2 . ? -5.830  -4.800  4.743   1.00 18.30 ? 40 44D B C5    1 
HETATM 292 C C6    . 44D D 2 . ? -6.802  -2.646  4.483   1.00 17.08 ? 40 44D B C6    1 
HETATM 293 C C7    . 44D D 2 . ? -7.804  -0.440  4.400   1.00 18.12 ? 40 44D B C7    1 
HETATM 294 C C8    . 44D D 2 . ? -8.685  0.439   3.524   1.00 17.64 ? 40 44D B C8    1 
HETATM 295 C C9    . 44D D 2 . ? -8.441  0.337   2.046   1.00 17.63 ? 40 44D B C9    1 
HETATM 296 C C10   . 44D D 2 . ? -8.916  -1.139  1.698   1.00 17.34 ? 40 44D B C10   1 
HETATM 297 C C11   . 44D D 2 . ? -8.067  -3.427  2.108   1.00 17.05 ? 40 44D B C11   1 
HETATM 298 C C12   . 44D D 2 . ? -7.081  -5.606  2.397   1.00 18.49 ? 40 44D B C12   1 
HETATM 299 C C13   . 44D D 2 . ? -9.440  1.333   1.377   1.00 17.63 ? 40 44D B C13   1 
HETATM 300 C C14   . 44D D 2 . ? -9.007  2.182   0.252   1.00 17.63 ? 40 44D B C14   1 
HETATM 301 C C15   . 44D D 2 . ? -6.282  -6.473  3.140   1.00 18.81 ? 40 44D B C15   1 
HETATM 302 C C16   . 44D D 2 . ? -5.680  -6.085  4.283   1.00 18.64 ? 40 44D B C16   1 
HETATM 303 C C17   . 44D D 2 . ? -6.636  -3.935  4.019   1.00 17.65 ? 40 44D B C17   1 
HETATM 304 C C18   . 44D D 2 . ? -7.280  -4.297  2.827   1.00 17.51 ? 40 44D B C18   1 
HETATM 305 C C19   . 44D D 2 . ? -8.256  -2.129  2.598   1.00 17.16 ? 40 44D B C19   1 
HETATM 306 C C20   . 44D D 2 . ? -7.626  -1.788  3.757   1.00 17.27 ? 40 44D B C20   1 
HETATM 307 O O5    . 44D D 2 . ? -5.132  -4.428  5.839   1.00 18.80 ? 40 44D B O5    1 
HETATM 308 O O6    . 44D D 2 . ? -6.146  -2.278  5.629   1.00 16.76 ? 40 44D B O6    1 
HETATM 309 O O7    . 44D D 2 . ? -6.598  0.148   4.680   1.00 20.30 ? 40 44D B O7    1 
HETATM 310 O O9    . 44D D 2 . ? -7.123  0.841   1.630   1.00 17.97 ? 40 44D B O9    1 
HETATM 311 O O11   . 44D D 2 . ? -8.709  -3.784  0.924   1.00 16.63 ? 40 44D B O11   1 
HETATM 312 O O12   . 44D D 2 . ? -7.566  -6.151  1.314   1.00 19.62 ? 40 44D B O12   1 
HETATM 313 O O13   . 44D D 2 . ? -10.732 1.049   1.577   1.00 17.90 ? 40 44D B O13   1 
HETATM 314 O O14   . 44D D 2 . ? -10.108 2.894   -0.363  1.00 17.45 ? 40 44D B O14   1 
HETATM 315 C C1B   . 44D D 2 . ? -6.183  0.768   5.848   1.00 22.48 ? 40 44D B C1B   1 
HETATM 316 C C2B   . 44D D 2 . ? -4.720  1.061   6.048   1.00 23.45 ? 40 44D B C2B   1 
HETATM 317 C C3B   . 44D D 2 . ? -4.528  2.171   5.004   1.00 24.90 ? 40 44D B C3B   1 
HETATM 318 C C4B   . 44D D 2 . ? -5.285  3.436   5.439   1.00 25.21 ? 40 44D B C4B   1 
HETATM 319 C C5B   . 44D D 2 . ? -6.769  3.050   5.374   1.00 24.53 ? 40 44D B C5B   1 
HETATM 320 C C6B   . 44D D 2 . ? -7.698  4.193   5.673   1.00 23.74 ? 40 44D B C6B   1 
HETATM 321 O "O3'" . 44D D 2 . ? -3.050  2.519   4.792   1.00 25.99 ? 40 44D B "O3'" 1 
HETATM 322 O O4B   . 44D D 2 . ? -4.904  3.946   6.700   1.00 26.88 ? 40 44D B O4B   1 
HETATM 323 O O5B   . 44D D 2 . ? -6.952  1.901   6.236   1.00 23.63 ? 40 44D B O5B   1 
HETATM 324 C "C1'" . 44D D 2 . ? -4.262  4.970   7.301   1.00 28.18 ? 40 44D B "C1'" 1 
HETATM 325 C "C2'" . 44D D 2 . ? -4.755  5.108   8.711   1.00 28.67 ? 40 44D B "C2'" 1 
HETATM 326 C "C3'" . 44D D 2 . ? -3.799  4.513   9.673   1.00 29.62 ? 40 44D B "C3'" 1 
HETATM 327 C "C4'" . 44D D 2 . ? -2.256  4.545   9.436   1.00 30.17 ? 40 44D B "C4'" 1 
HETATM 328 C "C5'" . 44D D 2 . ? -2.041  4.245   7.920   1.00 29.79 ? 40 44D B "C5'" 1 
HETATM 329 C "C6'" . 44D D 2 . ? -0.561  4.031   7.640   1.00 29.98 ? 40 44D B "C6'" 1 
HETATM 330 O "O4'" . 44D D 2 . ? -1.355  5.616   9.880   1.00 31.25 ? 40 44D B "O4'" 1 
HETATM 331 O "O5'" . 44D D 2 . ? -2.822  5.187   7.193   1.00 29.39 ? 40 44D B "O5'" 1 
HETATM 332 N "N3'" . 44D D 2 . ? -4.003  5.222   10.945  1.00 30.38 ? 40 44D B "N3'" 1 
HETATM 333 O O     . HOH E 3 . ? 12.921  -3.639  3.437   1.00 51.19 ? 42 HOH A O     1 
HETATM 334 O O     . HOH E 3 . ? -1.189  0.203   5.102   1.00 46.64 ? 43 HOH A O     1 
HETATM 335 O O     . HOH E 3 . ? 3.533   -5.876  -9.561  1.00 42.80 ? 44 HOH A O     1 
HETATM 336 O O     . HOH E 3 . ? 4.860   -6.675  -13.280 1.00 32.31 ? 45 HOH A O     1 
HETATM 337 O O     . HOH E 3 . ? -1.892  -8.986  1.183   1.00 29.23 ? 46 HOH A O     1 
HETATM 338 O O     . HOH E 3 . ? 9.262   -8.895  2.606   1.00 45.19 ? 47 HOH A O     1 
HETATM 339 O O     . HOH E 3 . ? 3.435   -10.331 0.373   1.00 50.10 ? 48 HOH A O     1 
HETATM 340 O O     . HOH E 3 . ? -0.436  -9.824  -0.925  1.00 26.33 ? 49 HOH A O     1 
HETATM 341 O O     . HOH E 3 . ? 3.291   6.775   4.508   1.00 48.30 ? 50 HOH A O     1 
HETATM 342 O O     . HOH E 3 . ? 9.265   8.125   9.521   1.00 38.84 ? 51 HOH A O     1 
HETATM 343 O O     . HOH E 3 . ? 10.136  -4.844  4.312   1.00 42.45 ? 52 HOH A O     1 
HETATM 344 O O     . HOH E 3 . ? -12.414 1.302   5.732   1.00 46.61 ? 53 HOH A O     1 
HETATM 345 O O     . HOH F 3 . ? 8.562   5.315   4.000   1.00 31.07 ? 41 HOH B O     1 
HETATM 346 O O     . HOH F 3 . ? 4.686   10.655  -4.723  1.00 31.37 ? 42 HOH B O     1 
HETATM 347 O O     . HOH F 3 . ? -13.359 2.039   -6.726  1.00 35.48 ? 43 HOH B O     1 
HETATM 348 O O     . HOH F 3 . ? -9.542  5.783   -11.655 1.00 44.32 ? 44 HOH B O     1 
HETATM 349 O O     . HOH F 3 . ? -12.433 4.516   -3.657  1.00 24.09 ? 45 HOH B O     1 
HETATM 350 O O     . HOH F 3 . ? -4.259  -7.397  -1.092  1.00 27.43 ? 46 HOH B O     1 
HETATM 351 O O     . HOH F 3 . ? 11.609  0.974   0.505   1.00 40.08 ? 47 HOH B O     1 
HETATM 352 O O     . HOH F 3 . ? 2.899   13.791  -4.523  1.00 46.36 ? 48 HOH B O     1 
HETATM 353 O O     . HOH F 3 . ? -9.275  -10.347 3.274   1.00 32.38 ? 49 HOH B O     1 
HETATM 354 O O     . HOH F 3 . ? 1.237   3.043   2.469   1.00 32.15 ? 50 HOH B O     1 
HETATM 355 O O     . HOH F 3 . ? 12.717  9.572   -0.310  1.00 34.01 ? 51 HOH B O     1 
HETATM 356 O O     . HOH F 3 . ? 0.328   4.656   3.174   1.00 30.03 ? 52 HOH B O     1 
HETATM 357 O O     . HOH F 3 . ? -4.287  -1.830  -5.100  1.00 39.05 ? 53 HOH B O     1 
HETATM 358 O O     . HOH F 3 . ? 6.821   10.833  -2.664  1.00 50.15 ? 54 HOH B O     1 
HETATM 359 O O     . HOH F 3 . ? 10.440  2.644   3.486   1.00 56.32 ? 55 HOH B O     1 
HETATM 360 O O     . HOH F 3 . ? 0.847   7.546   5.039   1.00 47.97 ? 56 HOH B O     1 
HETATM 361 O O     . HOH F 3 . ? -2.549  4.018   2.481   1.00 25.04 ? 57 HOH B O     1 
HETATM 362 O O     . HOH F 3 . ? 3.634   4.820   13.067  1.00 43.97 ? 58 HOH B O     1 
HETATM 363 O O     . HOH F 3 . ? -4.919  0.974   -7.337  1.00 41.02 ? 59 HOH B O     1 
HETATM 364 O O     . HOH F 3 . ? -2.469  -0.146  -5.987  1.00 37.62 ? 60 HOH B O     1 
HETATM 365 O O     . HOH F 3 . ? -3.485  -7.190  8.400   1.00 39.31 ? 61 HOH B O     1 
HETATM 366 O O     . HOH F 3 . ? 8.037   9.310   -5.266  1.00 57.70 ? 62 HOH B O     1 
HETATM 367 O O     . HOH F 3 . ? 10.690  9.312   -2.120  1.00 18.03 ? 63 HOH B O     1 
# 
